data_7R2E
#
_entry.id   7R2E
#
_cell.length_a   36.413
_cell.length_b   100.730
_cell.length_c   93.037
_cell.angle_alpha   90.000
_cell.angle_beta   90.280
_cell.angle_gamma   90.000
#
_symmetry.space_group_name_H-M   'P 1 21 1'
#
loop_
_entity.id
_entity.type
_entity.pdbx_description
1 polymer 'Sentrin-specific protease 7'
2 polymer 'Small ubiquitin-related modifier 3'
3 non-polymer prop-2-en-1-amine
4 water water
#
loop_
_entity_poly.entity_id
_entity_poly.type
_entity_poly.pdbx_seq_one_letter_code
_entity_poly.pdbx_strand_id
1 'polypeptide(L)'
;MGSSHHHHHHSSGLVPRGSHMASTSNPDEEWREVRHTGLVQKLIVYPPPPTKGGLGVTNEDLECLEEGEFLNDVIIDFYL
KYLILEKASDELVERSHIFSSFFYKCLTRKENNLTEDNPNLSMAQRRHKRVRTWTRHINIFNKDYIFVPVNESSHWYLAV
ICFPWLEEAVYEDFPQTVSQQSQAQQSQNDNKTIDNDLRTTSTLSLSAEDSQSTESNMSVPKKMCKRPCILILDSLKAAS
VQNTVQNLREYLEVEWEVKLKTHRQFSKTNMVDLCPKVPKQDNSSDCGVYLLQYVESFFKDPIVNFELPIHLEKWFPRHV
IKTKREDIRELILKLHLQQQKGSSS
;
A,B
2 'polypeptide(L)' HINLKVAGQDGSVVQFKIKRHTPLSKLMKAYCERQGLSMRQIRFRFDGQPINETDTPAQLEMEDEDTIDVFQQQTG C,D
#
# COMPACT_ATOMS: atom_id res chain seq x y z
N LEU A 39 -28.80 31.42 -7.58
CA LEU A 39 -27.97 31.74 -8.74
C LEU A 39 -26.75 30.84 -8.78
N VAL A 40 -26.80 29.87 -9.69
CA VAL A 40 -25.68 28.95 -9.91
C VAL A 40 -24.72 29.59 -10.91
N GLN A 41 -23.44 29.65 -10.54
CA GLN A 41 -22.39 30.12 -11.44
C GLN A 41 -21.24 29.12 -11.46
N LYS A 42 -20.54 29.04 -12.58
CA LYS A 42 -19.51 28.02 -12.79
C LYS A 42 -18.20 28.44 -12.14
N LEU A 43 -17.74 27.65 -11.17
CA LEU A 43 -16.45 27.92 -10.54
C LEU A 43 -15.31 27.75 -11.54
N ILE A 44 -15.34 26.65 -12.30
CA ILE A 44 -14.26 26.28 -13.22
C ILE A 44 -14.84 25.59 -14.44
N VAL A 45 -14.07 25.61 -15.52
CA VAL A 45 -14.25 24.73 -16.67
C VAL A 45 -12.94 23.98 -16.83
N TYR A 46 -12.99 22.64 -16.81
CA TYR A 46 -11.79 21.83 -16.74
C TYR A 46 -11.77 20.76 -17.82
N PRO A 47 -10.77 20.75 -18.72
CA PRO A 47 -9.72 21.78 -18.86
C PRO A 47 -10.34 23.07 -19.36
N PRO A 48 -9.70 24.20 -19.08
CA PRO A 48 -10.29 25.50 -19.44
C PRO A 48 -10.11 25.78 -20.92
N PRO A 49 -10.93 26.66 -21.49
CA PRO A 49 -10.74 27.05 -22.89
C PRO A 49 -9.38 27.71 -23.09
N PRO A 50 -8.82 27.66 -24.31
CA PRO A 50 -9.38 27.20 -25.59
C PRO A 50 -9.53 25.69 -25.71
N THR A 51 -8.95 24.93 -24.79
CA THR A 51 -8.99 23.47 -24.90
C THR A 51 -10.43 23.00 -25.04
N LYS A 52 -10.67 22.08 -25.97
CA LYS A 52 -12.01 21.58 -26.20
C LYS A 52 -12.33 20.49 -25.19
N GLY A 53 -13.62 20.32 -24.92
CA GLY A 53 -14.08 19.23 -24.08
C GLY A 53 -14.14 19.55 -22.60
N GLY A 54 -14.15 20.82 -22.23
CA GLY A 54 -14.05 21.20 -20.84
C GLY A 54 -15.37 20.96 -20.11
N LEU A 55 -15.25 20.56 -18.86
CA LEU A 55 -16.38 20.22 -18.02
C LEU A 55 -16.64 21.35 -17.03
N GLY A 56 -17.88 21.82 -16.99
CA GLY A 56 -18.23 22.88 -16.05
C GLY A 56 -18.49 22.34 -14.65
N VAL A 57 -17.92 23.00 -13.65
CA VAL A 57 -18.17 22.67 -12.24
C VAL A 57 -18.73 23.92 -11.55
N THR A 58 -19.93 23.80 -10.97
CA THR A 58 -20.62 24.91 -10.33
C THR A 58 -20.56 24.79 -8.82
N ASN A 59 -20.91 25.89 -8.13
CA ASN A 59 -20.99 25.86 -6.67
C ASN A 59 -21.97 24.79 -6.21
N GLU A 60 -23.00 24.53 -7.01
CA GLU A 60 -23.96 23.47 -6.68
C GLU A 60 -23.31 22.10 -6.72
N ASP A 61 -22.40 21.87 -7.67
CA ASP A 61 -21.67 20.61 -7.70
C ASP A 61 -20.76 20.46 -6.47
N LEU A 62 -20.20 21.56 -5.97
CA LEU A 62 -19.38 21.50 -4.76
C LEU A 62 -20.18 21.04 -3.54
N GLU A 63 -21.51 21.21 -3.57
CA GLU A 63 -22.33 20.79 -2.45
C GLU A 63 -22.21 19.30 -2.17
N CYS A 64 -21.99 18.50 -3.21
CA CYS A 64 -21.96 17.06 -2.96
C CYS A 64 -20.68 16.61 -2.25
N LEU A 65 -19.70 17.51 -2.08
CA LEU A 65 -18.48 17.14 -1.35
C LEU A 65 -18.62 17.27 0.16
N GLU A 66 -19.70 17.85 0.66
CA GLU A 66 -19.90 17.90 2.11
C GLU A 66 -20.10 16.49 2.66
N GLU A 67 -19.74 16.31 3.93
CA GLU A 67 -19.75 14.96 4.51
C GLU A 67 -21.15 14.37 4.45
N GLY A 68 -21.23 13.09 4.12
CA GLY A 68 -22.50 12.41 4.06
C GLY A 68 -23.28 12.56 2.76
N GLU A 69 -22.79 13.36 1.82
CA GLU A 69 -23.48 13.54 0.55
C GLU A 69 -22.90 12.62 -0.52
N PHE A 70 -23.79 12.11 -1.38
CA PHE A 70 -23.41 11.28 -2.52
C PHE A 70 -22.68 12.13 -3.57
N LEU A 71 -21.49 11.68 -4.00
CA LEU A 71 -20.82 12.37 -5.10
C LEU A 71 -21.65 12.25 -6.37
N ASN A 72 -21.64 13.30 -7.19
CA ASN A 72 -22.37 13.30 -8.44
C ASN A 72 -21.40 13.08 -9.61
N ASP A 73 -21.96 12.99 -10.83
CA ASP A 73 -21.18 12.66 -12.01
C ASP A 73 -20.20 13.77 -12.40
N VAL A 74 -20.53 15.02 -12.07
CA VAL A 74 -19.64 16.13 -12.40
C VAL A 74 -18.33 16.03 -11.63
N ILE A 75 -18.43 15.81 -10.31
CA ILE A 75 -17.21 15.69 -9.49
C ILE A 75 -16.40 14.47 -9.92
N ILE A 76 -17.04 13.32 -10.14
CA ILE A 76 -16.34 12.13 -10.64
C ILE A 76 -15.64 12.43 -11.95
N ASP A 77 -16.37 12.98 -12.92
CA ASP A 77 -15.76 13.16 -14.24
C ASP A 77 -14.69 14.24 -14.20
N PHE A 78 -14.88 15.28 -13.39
CA PHE A 78 -13.84 16.30 -13.23
C PHE A 78 -12.56 15.69 -12.68
N TYR A 79 -12.66 14.96 -11.56
CA TYR A 79 -11.46 14.49 -10.88
C TYR A 79 -10.74 13.44 -11.71
N LEU A 80 -11.50 12.59 -12.42
CA LEU A 80 -10.85 11.60 -13.27
C LEU A 80 -10.09 12.25 -14.42
N LYS A 81 -10.63 13.34 -14.99
CA LYS A 81 -9.87 14.07 -16.00
C LYS A 81 -8.66 14.76 -15.38
N TYR A 82 -8.80 15.29 -14.15
CA TYR A 82 -7.64 15.88 -13.49
C TYR A 82 -6.54 14.84 -13.27
N LEU A 83 -6.90 13.61 -12.87
CA LEU A 83 -5.89 12.58 -12.67
C LEU A 83 -5.12 12.28 -13.95
N ILE A 84 -5.84 12.13 -15.07
CA ILE A 84 -5.18 11.75 -16.31
C ILE A 84 -4.35 12.91 -16.86
N LEU A 85 -4.79 14.16 -16.65
CA LEU A 85 -4.07 15.32 -17.19
C LEU A 85 -2.92 15.78 -16.30
N GLU A 86 -2.96 15.51 -15.00
CA GLU A 86 -1.95 16.07 -14.10
C GLU A 86 -1.24 15.06 -13.20
N LYS A 87 -1.81 13.87 -12.95
CA LYS A 87 -1.19 12.93 -12.03
C LYS A 87 -0.68 11.64 -12.67
N ALA A 88 -1.23 11.22 -13.80
CA ALA A 88 -0.79 9.97 -14.43
C ALA A 88 0.58 10.12 -15.06
N SER A 89 1.42 9.09 -14.93
CA SER A 89 2.68 9.09 -15.65
C SER A 89 2.42 9.10 -17.16
N ASP A 90 3.43 9.54 -17.91
CA ASP A 90 3.24 9.65 -19.34
C ASP A 90 3.10 8.27 -20.00
N GLU A 91 3.76 7.26 -19.44
CA GLU A 91 3.57 5.89 -19.92
C GLU A 91 2.15 5.39 -19.65
N LEU A 92 1.61 5.68 -18.46
CA LEU A 92 0.25 5.26 -18.13
C LEU A 92 -0.78 5.95 -19.00
N VAL A 93 -0.61 7.25 -19.28
CA VAL A 93 -1.54 7.96 -20.15
C VAL A 93 -1.64 7.27 -21.51
N GLU A 94 -0.50 6.90 -22.08
CA GLU A 94 -0.52 6.28 -23.40
C GLU A 94 -1.15 4.89 -23.36
N ARG A 95 -1.00 4.17 -22.26
CA ARG A 95 -1.55 2.81 -22.22
C ARG A 95 -2.94 2.75 -21.59
N SER A 96 -3.55 3.88 -21.23
CA SER A 96 -4.82 3.89 -20.50
C SER A 96 -5.90 4.65 -21.26
N HIS A 97 -7.16 4.27 -21.00
CA HIS A 97 -8.29 5.10 -21.41
C HIS A 97 -9.34 5.11 -20.30
N ILE A 98 -9.85 6.30 -19.99
CA ILE A 98 -10.89 6.46 -18.97
C ILE A 98 -12.17 6.89 -19.64
N PHE A 99 -13.20 6.05 -19.55
CA PHE A 99 -14.50 6.42 -20.09
C PHE A 99 -15.19 7.40 -19.15
N SER A 100 -15.98 8.29 -19.74
CA SER A 100 -16.96 9.07 -18.98
C SER A 100 -17.83 8.18 -18.10
N SER A 101 -18.32 8.73 -16.98
CA SER A 101 -19.23 7.97 -16.13
C SER A 101 -20.58 7.71 -16.80
N PHE A 102 -20.86 8.31 -17.95
CA PHE A 102 -22.10 8.01 -18.66
C PHE A 102 -21.94 6.91 -19.69
N PHE A 103 -20.72 6.43 -19.93
CA PHE A 103 -20.52 5.39 -20.94
C PHE A 103 -21.35 4.17 -20.58
N TYR A 104 -21.19 3.67 -19.36
CA TYR A 104 -21.88 2.44 -19.01
C TYR A 104 -23.38 2.66 -18.95
N LYS A 105 -23.81 3.84 -18.50
CA LYS A 105 -25.25 4.12 -18.47
C LYS A 105 -25.83 4.19 -19.88
N CYS A 106 -25.08 4.74 -20.82
CA CYS A 106 -25.54 4.80 -22.20
C CYS A 106 -25.56 3.40 -22.84
N LEU A 107 -24.50 2.62 -22.62
CA LEU A 107 -24.45 1.23 -23.10
C LEU A 107 -25.67 0.42 -22.67
N THR A 108 -26.14 0.61 -21.44
CA THR A 108 -27.16 -0.26 -20.86
C THR A 108 -28.54 0.41 -20.77
N ARG A 109 -28.74 1.49 -21.50
CA ARG A 109 -29.99 2.26 -21.49
C ARG A 109 -31.26 1.43 -21.78
N ASN A 120 -32.56 -7.60 -36.90
CA ASN A 120 -31.29 -7.77 -37.59
C ASN A 120 -30.11 -7.86 -36.62
N LEU A 121 -29.88 -6.76 -35.90
CA LEU A 121 -28.74 -6.64 -34.95
C LEU A 121 -29.05 -7.48 -33.71
N SER A 122 -28.04 -8.02 -33.01
CA SER A 122 -28.27 -8.78 -31.76
C SER A 122 -28.43 -7.80 -30.61
N MET A 123 -28.76 -8.28 -29.42
CA MET A 123 -28.86 -7.30 -28.33
C MET A 123 -27.49 -6.69 -28.01
N ALA A 124 -26.44 -7.47 -28.08
CA ALA A 124 -25.09 -6.92 -27.84
C ALA A 124 -24.79 -5.84 -28.89
N GLN A 125 -25.12 -6.09 -30.15
CA GLN A 125 -24.86 -5.09 -31.21
C GLN A 125 -25.69 -3.84 -30.95
N ARG A 126 -26.91 -3.99 -30.48
CA ARG A 126 -27.78 -2.85 -30.23
C ARG A 126 -27.23 -1.97 -29.10
N ARG A 127 -26.77 -2.58 -28.01
CA ARG A 127 -26.11 -1.81 -26.94
C ARG A 127 -24.88 -1.08 -27.46
N HIS A 128 -24.04 -1.78 -28.22
CA HIS A 128 -22.79 -1.19 -28.70
C HIS A 128 -23.06 -0.01 -29.63
N LYS A 129 -24.11 -0.09 -30.44
CA LYS A 129 -24.39 1.00 -31.37
C LYS A 129 -24.62 2.32 -30.64
N ARG A 130 -25.18 2.27 -29.42
CA ARG A 130 -25.42 3.49 -28.65
C ARG A 130 -24.13 4.21 -28.26
N VAL A 131 -23.04 3.48 -28.05
CA VAL A 131 -21.76 4.08 -27.67
C VAL A 131 -20.71 3.92 -28.76
N ARG A 132 -21.11 3.60 -29.98
CA ARG A 132 -20.10 3.28 -31.00
C ARG A 132 -19.18 4.46 -31.29
N THR A 133 -19.68 5.69 -31.24
CA THR A 133 -18.78 6.80 -31.54
C THR A 133 -17.92 7.23 -30.36
N TRP A 134 -18.12 6.66 -29.17
CA TRP A 134 -17.33 7.08 -28.03
C TRP A 134 -15.87 6.62 -28.08
N THR A 135 -15.49 5.81 -29.08
CA THR A 135 -14.09 5.42 -29.27
C THR A 135 -13.61 5.87 -30.63
N ARG A 136 -14.17 6.97 -31.14
CA ARG A 136 -13.92 7.37 -32.53
C ARG A 136 -12.42 7.40 -32.85
N HIS A 137 -11.62 7.98 -31.95
CA HIS A 137 -10.19 8.13 -32.19
C HIS A 137 -9.36 7.34 -31.18
N ILE A 138 -9.87 6.20 -30.74
CA ILE A 138 -9.24 5.37 -29.71
C ILE A 138 -9.29 3.93 -30.17
N ASN A 139 -8.15 3.26 -30.14
CA ASN A 139 -8.09 1.81 -30.34
C ASN A 139 -7.90 1.19 -28.96
N ILE A 140 -9.01 0.76 -28.34
CA ILE A 140 -8.92 0.23 -26.99
C ILE A 140 -8.14 -1.07 -26.97
N PHE A 141 -7.98 -1.68 -28.14
CA PHE A 141 -7.21 -2.94 -28.22
C PHE A 141 -5.69 -2.68 -28.22
N ASN A 142 -5.30 -1.41 -28.17
CA ASN A 142 -3.88 -1.04 -28.02
C ASN A 142 -3.69 -0.38 -26.65
N LYS A 143 -4.58 -0.64 -25.72
CA LYS A 143 -4.45 -0.08 -24.36
C LYS A 143 -4.23 -1.22 -23.38
N ASP A 144 -3.56 -0.92 -22.29
CA ASP A 144 -3.39 -1.89 -21.23
C ASP A 144 -4.52 -1.81 -20.20
N TYR A 145 -5.06 -0.62 -19.97
CA TYR A 145 -6.05 -0.40 -18.90
C TYR A 145 -7.19 0.45 -19.41
N ILE A 146 -8.41 -0.06 -19.32
CA ILE A 146 -9.60 0.68 -19.72
C ILE A 146 -10.50 0.80 -18.50
N PHE A 147 -10.72 2.03 -18.04
CA PHE A 147 -11.43 2.32 -16.80
C PHE A 147 -12.88 2.68 -17.10
N VAL A 148 -13.80 2.01 -16.42
CA VAL A 148 -15.23 2.19 -16.64
C VAL A 148 -15.92 2.52 -15.32
N PRO A 149 -16.21 3.80 -15.04
CA PRO A 149 -16.99 4.12 -13.84
C PRO A 149 -18.42 3.62 -14.01
N VAL A 150 -18.90 2.90 -12.99
CA VAL A 150 -20.24 2.32 -13.01
C VAL A 150 -21.06 2.92 -11.89
N ASN A 151 -22.25 3.43 -12.22
CA ASN A 151 -23.24 3.81 -11.22
C ASN A 151 -24.49 2.98 -11.44
N GLU A 152 -24.73 2.06 -10.51
CA GLU A 152 -25.91 1.21 -10.49
C GLU A 152 -26.59 1.34 -9.15
N SER A 153 -27.89 1.64 -9.16
CA SER A 153 -28.68 1.74 -7.95
C SER A 153 -28.02 2.64 -6.91
N SER A 154 -27.60 3.83 -7.37
CA SER A 154 -27.07 4.88 -6.49
C SER A 154 -25.82 4.42 -5.75
N HIS A 155 -24.94 3.73 -6.46
CA HIS A 155 -23.71 3.23 -5.87
C HIS A 155 -22.63 3.26 -6.94
N TRP A 156 -21.49 3.88 -6.63
CA TRP A 156 -20.37 3.94 -7.57
C TRP A 156 -19.46 2.72 -7.39
N TYR A 157 -19.03 2.15 -8.49
CA TYR A 157 -17.88 1.25 -8.44
C TYR A 157 -17.16 1.29 -9.78
N LEU A 158 -16.02 0.60 -9.84
CA LEU A 158 -15.10 0.75 -10.95
C LEU A 158 -14.81 -0.61 -11.55
N ALA A 159 -14.93 -0.69 -12.86
CA ALA A 159 -14.46 -1.83 -13.65
C ALA A 159 -13.23 -1.39 -14.43
N VAL A 160 -12.20 -2.24 -14.47
CA VAL A 160 -10.97 -1.97 -15.21
C VAL A 160 -10.72 -3.14 -16.13
N ILE A 161 -10.81 -2.90 -17.44
CA ILE A 161 -10.49 -3.94 -18.42
C ILE A 161 -8.98 -3.91 -18.63
N CYS A 162 -8.32 -5.04 -18.41
CA CYS A 162 -6.87 -5.10 -18.34
C CYS A 162 -6.34 -5.96 -19.48
N PHE A 163 -5.33 -5.48 -20.18
CA PHE A 163 -4.66 -6.18 -21.26
C PHE A 163 -5.61 -6.88 -22.24
N PRO A 164 -6.56 -6.16 -22.84
CA PRO A 164 -7.51 -6.79 -23.75
C PRO A 164 -6.87 -7.32 -25.04
N TRP A 165 -5.62 -6.96 -25.33
CA TRP A 165 -4.92 -7.50 -26.49
C TRP A 165 -4.32 -8.87 -26.23
N LEU A 166 -4.24 -9.31 -24.97
CA LEU A 166 -3.79 -10.66 -24.68
C LEU A 166 -4.96 -11.64 -24.85
N GLU A 167 -4.63 -12.87 -25.23
CA GLU A 167 -5.62 -13.93 -25.31
C GLU A 167 -5.50 -14.96 -24.20
N GLU A 168 -4.45 -14.90 -23.39
CA GLU A 168 -4.24 -15.80 -22.26
C GLU A 168 -3.16 -15.20 -21.35
N ALA A 169 -3.04 -15.74 -20.15
CA ALA A 169 -2.04 -15.25 -19.21
C ALA A 169 -0.63 -15.52 -19.75
N VAL A 170 0.29 -14.60 -19.45
CA VAL A 170 1.69 -14.70 -19.87
C VAL A 170 2.58 -14.27 -18.71
N TYR A 171 3.71 -14.96 -18.54
CA TYR A 171 4.63 -14.72 -17.42
C TYR A 171 6.01 -14.34 -17.99
N GLU A 172 6.41 -13.10 -17.75
CA GLU A 172 7.75 -12.63 -18.13
C GLU A 172 7.94 -11.23 -17.55
N LYS A 223 9.40 -12.11 -14.10
CA LYS A 223 8.46 -13.24 -14.19
C LYS A 223 7.23 -12.75 -13.43
N MET A 224 6.58 -11.74 -13.99
CA MET A 224 5.28 -11.24 -13.46
C MET A 224 4.17 -11.91 -14.27
N CYS A 225 2.97 -12.02 -13.74
CA CYS A 225 1.87 -12.59 -14.56
C CYS A 225 0.93 -11.49 -15.06
N LYS A 226 0.82 -11.33 -16.37
CA LYS A 226 -0.17 -10.40 -16.98
C LYS A 226 -1.25 -11.27 -17.60
N ARG A 227 -2.51 -10.89 -17.42
CA ARG A 227 -3.68 -11.66 -17.92
C ARG A 227 -4.69 -10.69 -18.52
N PRO A 228 -5.38 -11.10 -19.58
CA PRO A 228 -6.60 -10.36 -19.97
C PRO A 228 -7.69 -10.59 -18.94
N CYS A 229 -8.26 -9.52 -18.39
CA CYS A 229 -9.24 -9.72 -17.34
C CYS A 229 -10.00 -8.42 -17.07
N ILE A 230 -11.04 -8.54 -16.25
CA ILE A 230 -11.85 -7.41 -15.83
C ILE A 230 -11.79 -7.35 -14.31
N LEU A 231 -11.18 -6.30 -13.80
CA LEU A 231 -11.08 -6.07 -12.37
C LEU A 231 -12.30 -5.28 -11.91
N ILE A 232 -12.91 -5.71 -10.82
CA ILE A 232 -14.00 -4.97 -10.19
C ILE A 232 -13.49 -4.40 -8.88
N LEU A 233 -13.46 -3.07 -8.79
CA LEU A 233 -12.93 -2.36 -7.63
C LEU A 233 -14.09 -1.65 -6.95
N ASP A 234 -14.49 -2.14 -5.79
CA ASP A 234 -15.78 -1.79 -5.21
C ASP A 234 -15.58 -1.56 -3.71
N SER A 235 -15.97 -0.38 -3.25
CA SER A 235 -15.80 -0.01 -1.85
C SER A 235 -16.89 -0.60 -0.96
N LEU A 236 -17.95 -1.14 -1.55
CA LEU A 236 -19.02 -1.82 -0.80
C LEU A 236 -19.25 -3.19 -1.42
N LYS A 237 -20.48 -3.48 -1.84
CA LYS A 237 -20.78 -4.69 -2.60
C LYS A 237 -21.98 -4.43 -3.48
N ALA A 238 -21.83 -4.66 -4.77
CA ALA A 238 -22.86 -4.37 -5.75
C ALA A 238 -23.41 -5.68 -6.30
N ALA A 239 -24.74 -5.85 -6.26
CA ALA A 239 -25.35 -7.07 -6.76
C ALA A 239 -25.19 -7.21 -8.27
N SER A 240 -25.04 -6.09 -8.98
CA SER A 240 -25.05 -6.09 -10.43
C SER A 240 -23.72 -6.47 -11.05
N VAL A 241 -22.78 -7.05 -10.29
CA VAL A 241 -21.41 -7.17 -10.77
C VAL A 241 -21.32 -8.12 -11.95
N GLN A 242 -21.93 -9.31 -11.85
CA GLN A 242 -21.82 -10.28 -12.93
C GLN A 242 -22.46 -9.77 -14.20
N ASN A 243 -23.57 -9.03 -14.07
CA ASN A 243 -24.22 -8.41 -15.22
C ASN A 243 -23.31 -7.35 -15.86
N THR A 244 -22.65 -6.53 -15.04
CA THR A 244 -21.70 -5.54 -15.55
C THR A 244 -20.58 -6.22 -16.33
N VAL A 245 -19.97 -7.25 -15.73
CA VAL A 245 -18.87 -7.95 -16.37
C VAL A 245 -19.29 -8.55 -17.71
N GLN A 246 -20.48 -9.15 -17.77
CA GLN A 246 -20.92 -9.76 -19.01
C GLN A 246 -21.22 -8.70 -20.08
N ASN A 247 -21.83 -7.58 -19.65
CA ASN A 247 -22.05 -6.46 -20.57
C ASN A 247 -20.74 -5.91 -21.14
N LEU A 248 -19.70 -5.87 -20.32
CA LEU A 248 -18.42 -5.36 -20.81
C LEU A 248 -17.74 -6.38 -21.73
N ARG A 249 -17.84 -7.69 -21.44
CA ARG A 249 -17.31 -8.66 -22.41
C ARG A 249 -18.02 -8.52 -23.75
N GLU A 250 -19.34 -8.35 -23.73
CA GLU A 250 -20.10 -8.23 -24.97
C GLU A 250 -19.82 -6.91 -25.69
N TYR A 251 -19.50 -5.84 -24.96
CA TYR A 251 -19.04 -4.61 -25.61
C TYR A 251 -17.72 -4.86 -26.35
N LEU A 252 -16.77 -5.56 -25.70
CA LEU A 252 -15.47 -5.84 -26.30
C LEU A 252 -15.61 -6.65 -27.58
N GLU A 253 -16.48 -7.68 -27.57
CA GLU A 253 -16.67 -8.50 -28.76
C GLU A 253 -17.15 -7.66 -29.94
N VAL A 254 -18.11 -6.76 -29.71
CA VAL A 254 -18.64 -5.99 -30.83
C VAL A 254 -17.66 -4.91 -31.24
N GLU A 255 -16.98 -4.28 -30.27
CA GLU A 255 -16.00 -3.28 -30.64
C GLU A 255 -14.89 -3.92 -31.46
N TRP A 256 -14.46 -5.12 -31.08
CA TRP A 256 -13.44 -5.83 -31.86
C TRP A 256 -13.93 -6.11 -33.28
N GLU A 257 -15.12 -6.71 -33.41
CA GLU A 257 -15.63 -7.01 -34.75
C GLU A 257 -15.76 -5.75 -35.60
N VAL A 258 -16.20 -4.64 -35.00
CA VAL A 258 -16.39 -3.40 -35.74
C VAL A 258 -15.06 -2.80 -36.18
N LYS A 259 -14.05 -2.80 -35.31
CA LYS A 259 -12.77 -2.16 -35.64
C LYS A 259 -11.74 -3.10 -36.24
N LEU A 260 -11.71 -4.36 -35.84
CA LEU A 260 -10.72 -5.29 -36.37
C LEU A 260 -11.26 -6.21 -37.46
N LYS A 261 -12.60 -6.31 -37.60
CA LYS A 261 -13.26 -7.01 -38.70
C LYS A 261 -12.92 -8.50 -38.75
N THR A 262 -12.62 -9.10 -37.61
CA THR A 262 -12.61 -10.55 -37.45
C THR A 262 -13.49 -10.91 -36.26
N HIS A 263 -13.80 -12.18 -36.12
CA HIS A 263 -14.58 -12.65 -35.00
C HIS A 263 -13.61 -13.03 -33.88
N ARG A 264 -13.81 -12.45 -32.71
CA ARG A 264 -13.03 -12.80 -31.53
C ARG A 264 -13.99 -12.89 -30.36
N GLN A 265 -13.89 -13.99 -29.63
CA GLN A 265 -14.77 -14.23 -28.50
C GLN A 265 -14.11 -13.72 -27.22
N PHE A 266 -14.89 -13.05 -26.37
CA PHE A 266 -14.47 -12.70 -25.02
C PHE A 266 -15.41 -13.39 -24.04
N SER A 267 -14.90 -14.36 -23.31
CA SER A 267 -15.69 -15.23 -22.45
C SER A 267 -15.09 -15.20 -21.05
N LYS A 268 -15.71 -15.95 -20.13
CA LYS A 268 -15.12 -16.05 -18.81
C LYS A 268 -13.74 -16.71 -18.87
N THR A 269 -13.51 -17.58 -19.83
CA THR A 269 -12.19 -18.24 -19.79
C THR A 269 -11.09 -17.33 -20.37
N ASN A 270 -11.50 -16.44 -21.25
CA ASN A 270 -10.67 -15.50 -22.01
C ASN A 270 -10.45 -14.16 -21.36
N MET A 271 -11.33 -13.81 -20.45
CA MET A 271 -11.31 -12.50 -19.81
C MET A 271 -11.99 -12.70 -18.46
N VAL A 272 -11.28 -13.31 -17.52
CA VAL A 272 -11.86 -13.65 -16.25
C VAL A 272 -12.17 -12.38 -15.46
N ASP A 273 -13.22 -12.43 -14.64
CA ASP A 273 -13.54 -11.35 -13.73
C ASP A 273 -12.83 -11.59 -12.40
N LEU A 274 -12.19 -10.56 -11.86
CA LEU A 274 -11.48 -10.62 -10.58
C LEU A 274 -11.93 -9.45 -9.70
N CYS A 275 -11.99 -9.69 -8.39
CA CYS A 275 -12.25 -8.62 -7.41
C CYS A 275 -11.06 -8.55 -6.45
N PRO A 276 -10.11 -7.66 -6.70
CA PRO A 276 -9.01 -7.48 -5.75
C PRO A 276 -9.51 -7.10 -4.37
N LYS A 277 -8.73 -7.45 -3.35
CA LYS A 277 -9.06 -7.08 -1.98
C LYS A 277 -8.57 -5.65 -1.75
N VAL A 278 -9.49 -4.69 -1.84
CA VAL A 278 -9.18 -3.26 -1.78
C VAL A 278 -9.65 -2.72 -0.43
N PRO A 279 -9.17 -1.56 0.04
CA PRO A 279 -9.76 -0.98 1.24
C PRO A 279 -11.21 -0.59 1.01
N LYS A 280 -12.04 -0.82 2.01
CA LYS A 280 -13.49 -0.73 1.89
C LYS A 280 -14.02 0.48 2.65
N GLN A 281 -15.29 0.78 2.40
CA GLN A 281 -16.03 1.89 3.00
C GLN A 281 -16.39 1.60 4.45
N ASP A 282 -16.40 2.66 5.27
CA ASP A 282 -16.91 2.54 6.63
C ASP A 282 -18.21 3.30 6.85
N ASN A 283 -18.66 4.12 5.89
CA ASN A 283 -19.98 4.73 6.02
C ASN A 283 -20.84 4.39 4.82
N SER A 284 -21.93 5.13 4.62
CA SER A 284 -22.92 4.82 3.60
C SER A 284 -22.90 5.80 2.45
N SER A 285 -21.91 6.71 2.39
CA SER A 285 -21.96 7.75 1.38
C SER A 285 -20.63 8.03 0.67
N ASP A 286 -19.58 7.25 0.92
CA ASP A 286 -18.26 7.57 0.38
C ASP A 286 -17.84 6.73 -0.84
N CYS A 287 -18.73 5.86 -1.37
CA CYS A 287 -18.47 5.11 -2.61
C CYS A 287 -17.78 5.95 -3.69
N GLY A 288 -18.23 7.11 -4.01
CA GLY A 288 -17.61 7.89 -5.07
C GLY A 288 -16.21 8.36 -4.71
N VAL A 289 -15.97 8.63 -3.42
CA VAL A 289 -14.63 9.05 -2.99
C VAL A 289 -13.64 7.90 -3.15
N TYR A 290 -14.07 6.68 -2.82
CA TYR A 290 -13.21 5.52 -3.01
C TYR A 290 -12.94 5.23 -4.47
N LEU A 291 -13.96 5.37 -5.32
CA LEU A 291 -13.73 5.18 -6.75
C LEU A 291 -12.57 6.07 -7.20
N LEU A 292 -12.62 7.34 -6.82
CA LEU A 292 -11.58 8.28 -7.23
C LEU A 292 -10.22 7.87 -6.65
N GLN A 293 -10.20 7.39 -5.40
CA GLN A 293 -8.95 6.95 -4.78
C GLN A 293 -8.41 5.70 -5.44
N TYR A 294 -9.28 4.78 -5.84
CA TYR A 294 -8.81 3.59 -6.57
C TYR A 294 -8.11 4.00 -7.86
N VAL A 295 -8.69 4.93 -8.63
CA VAL A 295 -8.03 5.36 -9.85
C VAL A 295 -6.72 6.08 -9.52
N GLU A 296 -6.74 6.96 -8.52
CA GLU A 296 -5.52 7.69 -8.18
C GLU A 296 -4.40 6.73 -7.82
N SER A 297 -4.68 5.73 -6.98
CA SER A 297 -3.67 4.80 -6.52
C SER A 297 -3.23 3.86 -7.63
N PHE A 298 -4.11 3.57 -8.59
CA PHE A 298 -3.71 2.77 -9.75
C PHE A 298 -2.68 3.50 -10.57
N PHE A 299 -2.84 4.82 -10.74
CA PHE A 299 -1.84 5.56 -11.50
C PHE A 299 -0.52 5.65 -10.74
N LYS A 300 -0.56 5.82 -9.41
CA LYS A 300 0.69 5.82 -8.66
C LYS A 300 1.35 4.44 -8.62
N ASP A 301 0.55 3.37 -8.56
CA ASP A 301 1.08 2.02 -8.36
C ASP A 301 0.24 1.03 -9.16
N PRO A 302 0.46 0.94 -10.47
CA PRO A 302 -0.42 0.12 -11.31
C PRO A 302 -0.30 -1.36 -11.00
N ILE A 303 -1.39 -2.07 -11.22
CA ILE A 303 -1.39 -3.53 -11.04
C ILE A 303 -0.66 -4.15 -12.23
N VAL A 304 0.45 -4.82 -11.95
CA VAL A 304 1.21 -5.50 -12.99
C VAL A 304 1.41 -6.98 -12.71
N ASN A 305 1.05 -7.46 -11.51
CA ASN A 305 1.05 -8.88 -11.17
C ASN A 305 -0.36 -9.34 -10.90
N PHE A 306 -0.89 -10.23 -11.73
CA PHE A 306 -2.28 -10.62 -11.61
C PHE A 306 -2.48 -11.98 -10.95
N GLU A 307 -1.45 -12.51 -10.29
CA GLU A 307 -1.62 -13.72 -9.48
C GLU A 307 -2.64 -13.47 -8.38
N LEU A 308 -3.51 -14.44 -8.16
CA LEU A 308 -4.54 -14.23 -7.15
C LEU A 308 -4.10 -14.81 -5.81
N PRO A 309 -4.57 -14.26 -4.68
CA PRO A 309 -5.38 -13.04 -4.64
C PRO A 309 -4.54 -11.77 -4.86
N ILE A 310 -5.15 -10.74 -5.42
CA ILE A 310 -4.47 -9.46 -5.63
C ILE A 310 -4.64 -8.63 -4.36
N HIS A 311 -3.57 -8.52 -3.58
CA HIS A 311 -3.65 -7.87 -2.27
C HIS A 311 -3.45 -6.38 -2.46
N LEU A 312 -4.53 -5.61 -2.28
CA LEU A 312 -4.46 -4.14 -2.32
C LEU A 312 -4.96 -3.53 -1.02
N GLU A 313 -4.91 -4.29 0.09
CA GLU A 313 -5.45 -3.81 1.36
C GLU A 313 -4.69 -2.59 1.86
N LYS A 314 -3.43 -2.42 1.46
CA LYS A 314 -2.61 -1.30 1.89
C LYS A 314 -2.34 -0.34 0.74
N TRP A 315 -3.27 -0.30 -0.22
CA TRP A 315 -3.02 0.44 -1.46
C TRP A 315 -2.80 1.91 -1.21
N PHE A 316 -3.49 2.47 -0.21
CA PHE A 316 -3.35 3.88 0.11
C PHE A 316 -3.57 4.00 1.61
N PRO A 317 -3.03 5.02 2.26
CA PRO A 317 -3.22 5.15 3.71
C PRO A 317 -4.61 5.67 4.05
N ARG A 318 -5.00 5.42 5.30
CA ARG A 318 -6.30 5.87 5.78
C ARG A 318 -6.46 7.39 5.74
N HIS A 319 -5.38 8.15 6.03
CA HIS A 319 -5.55 9.61 6.15
C HIS A 319 -5.90 10.25 4.81
N VAL A 320 -5.43 9.68 3.70
CA VAL A 320 -5.71 10.28 2.40
C VAL A 320 -7.19 10.16 2.05
N ILE A 321 -7.81 9.03 2.38
CA ILE A 321 -9.23 8.89 2.09
C ILE A 321 -10.07 9.75 3.06
N LYS A 322 -9.63 9.91 4.32
CA LYS A 322 -10.42 10.68 5.28
C LYS A 322 -10.43 12.17 4.93
N THR A 323 -9.41 12.67 4.24
CA THR A 323 -9.37 14.08 3.86
C THR A 323 -9.70 14.30 2.38
N LYS A 324 -10.07 13.26 1.65
CA LYS A 324 -10.24 13.44 0.20
C LYS A 324 -11.32 14.45 -0.16
N ARG A 325 -12.47 14.43 0.50
CA ARG A 325 -13.56 15.36 0.14
C ARG A 325 -13.05 16.78 0.25
N GLU A 326 -12.42 17.12 1.36
CA GLU A 326 -11.83 18.47 1.56
C GLU A 326 -10.73 18.71 0.54
N ASP A 327 -9.93 17.71 0.23
CA ASP A 327 -8.82 17.93 -0.73
C ASP A 327 -9.38 18.23 -2.11
N ILE A 328 -10.43 17.53 -2.50
CA ILE A 328 -11.02 17.80 -3.81
C ILE A 328 -11.64 19.18 -3.84
N ARG A 329 -12.34 19.56 -2.76
CA ARG A 329 -12.92 20.89 -2.70
C ARG A 329 -11.86 21.97 -2.75
N GLU A 330 -10.78 21.81 -1.99
CA GLU A 330 -9.70 22.80 -2.02
C GLU A 330 -9.07 22.88 -3.40
N LEU A 331 -8.92 21.74 -4.08
CA LEU A 331 -8.39 21.74 -5.45
C LEU A 331 -9.27 22.53 -6.40
N ILE A 332 -10.59 22.38 -6.30
CA ILE A 332 -11.47 23.11 -7.19
C ILE A 332 -11.41 24.60 -6.90
N LEU A 333 -11.27 24.97 -5.62
CA LEU A 333 -11.20 26.40 -5.27
C LEU A 333 -9.88 27.02 -5.75
N LYS A 334 -8.78 26.26 -5.68
CA LYS A 334 -7.52 26.75 -6.21
C LYS A 334 -7.60 26.96 -7.72
N LEU A 335 -8.16 25.98 -8.45
CA LEU A 335 -8.32 26.15 -9.88
C LEU A 335 -9.26 27.30 -10.22
N HIS A 336 -10.26 27.55 -9.38
CA HIS A 336 -11.16 28.70 -9.61
C HIS A 336 -10.39 30.02 -9.59
N LEU A 337 -9.56 30.22 -8.57
CA LEU A 337 -8.77 31.44 -8.48
C LEU A 337 -7.77 31.57 -9.64
N GLN A 338 -7.19 30.45 -10.07
CA GLN A 338 -6.32 30.49 -11.26
C GLN A 338 -7.09 30.93 -12.50
N GLN A 339 -8.30 30.41 -12.68
CA GLN A 339 -9.04 30.73 -13.88
C GLN A 339 -9.66 32.12 -13.84
N GLN A 340 -9.78 32.72 -12.65
CA GLN A 340 -10.19 34.11 -12.59
C GLN A 340 -9.13 35.03 -13.20
N LYS A 341 -7.85 34.62 -13.13
CA LYS A 341 -6.76 35.49 -13.58
C LYS A 341 -6.67 35.58 -15.10
N GLY A 342 -7.19 34.60 -15.82
CA GLY A 342 -7.09 34.60 -17.27
C GLY A 342 -8.43 34.76 -17.97
N VAL B 40 6.06 14.56 26.53
CA VAL B 40 6.18 13.17 26.12
C VAL B 40 5.37 12.27 27.04
N GLN B 41 4.49 11.45 26.48
CA GLN B 41 3.75 10.48 27.26
C GLN B 41 3.57 9.21 26.45
N LYS B 42 3.51 8.08 27.17
CA LYS B 42 3.53 6.75 26.55
C LYS B 42 2.19 6.46 25.87
N LEU B 43 2.25 6.22 24.55
CA LEU B 43 1.04 5.90 23.79
C LEU B 43 0.58 4.47 24.06
N ILE B 44 1.51 3.52 24.02
CA ILE B 44 1.22 2.11 24.26
C ILE B 44 2.40 1.47 24.94
N VAL B 45 2.15 0.34 25.59
CA VAL B 45 3.16 -0.62 26.02
C VAL B 45 2.78 -1.92 25.32
N TYR B 46 3.69 -2.48 24.53
CA TYR B 46 3.36 -3.61 23.67
C TYR B 46 4.35 -4.75 23.85
N PRO B 47 3.92 -5.95 24.30
CA PRO B 47 2.52 -6.21 24.69
C PRO B 47 2.17 -5.52 26.02
N PRO B 48 0.89 -5.22 26.23
CA PRO B 48 0.48 -4.46 27.42
C PRO B 48 0.64 -5.26 28.68
N PRO B 49 0.78 -4.61 29.82
CA PRO B 49 0.83 -5.33 31.10
C PRO B 49 -0.49 -6.04 31.36
N PRO B 50 -0.50 -7.10 32.19
CA PRO B 50 0.60 -7.57 33.03
C PRO B 50 1.65 -8.43 32.33
N THR B 51 1.56 -8.58 31.01
CA THR B 51 2.57 -9.34 30.31
C THR B 51 3.94 -8.68 30.54
N LYS B 52 4.96 -9.51 30.78
CA LYS B 52 6.29 -8.98 30.98
C LYS B 52 6.97 -8.76 29.63
N GLY B 53 7.92 -7.83 29.62
CA GLY B 53 8.71 -7.55 28.43
C GLY B 53 8.10 -6.54 27.48
N GLY B 54 7.14 -5.74 27.94
CA GLY B 54 6.47 -4.83 27.03
C GLY B 54 7.35 -3.65 26.68
N LEU B 55 7.25 -3.22 25.42
CA LEU B 55 8.03 -2.11 24.89
C LEU B 55 7.18 -0.84 24.87
N GLY B 56 7.70 0.23 25.49
CA GLY B 56 6.98 1.49 25.53
C GLY B 56 7.20 2.26 24.23
N VAL B 57 6.11 2.80 23.69
CA VAL B 57 6.14 3.60 22.46
C VAL B 57 5.54 4.96 22.79
N THR B 58 6.30 6.03 22.57
CA THR B 58 5.87 7.38 22.92
C THR B 58 5.57 8.18 21.66
N ASN B 59 4.96 9.35 21.86
CA ASN B 59 4.68 10.20 20.71
C ASN B 59 5.97 10.66 20.05
N GLU B 60 7.07 10.74 20.81
CA GLU B 60 8.35 11.06 20.19
C GLU B 60 8.80 9.96 19.22
N ASP B 61 8.61 8.69 19.60
CA ASP B 61 8.95 7.60 18.69
C ASP B 61 8.15 7.68 17.40
N LEU B 62 6.88 8.12 17.48
CA LEU B 62 6.06 8.30 16.29
C LEU B 62 6.68 9.29 15.32
N GLU B 63 7.47 10.23 15.84
CA GLU B 63 8.02 11.26 14.96
C GLU B 63 8.88 10.65 13.86
N CYS B 64 9.50 9.50 14.13
CA CYS B 64 10.36 8.93 13.10
C CYS B 64 9.56 8.26 11.99
N LEU B 65 8.23 8.16 12.12
CA LEU B 65 7.38 7.66 11.04
C LEU B 65 7.06 8.72 9.99
N GLU B 66 7.37 9.99 10.22
CA GLU B 66 7.18 10.99 9.17
C GLU B 66 8.04 10.66 7.95
N GLU B 67 7.54 11.04 6.77
CA GLU B 67 8.28 10.79 5.53
C GLU B 67 9.68 11.34 5.62
N GLY B 68 10.66 10.56 5.16
CA GLY B 68 12.03 11.01 5.14
C GLY B 68 12.82 10.81 6.41
N GLU B 69 12.20 10.39 7.50
CA GLU B 69 12.90 10.23 8.77
C GLU B 69 13.40 8.79 8.94
N PHE B 70 14.58 8.64 9.53
CA PHE B 70 15.14 7.32 9.83
C PHE B 70 14.32 6.63 10.92
N LEU B 71 13.86 5.42 10.67
CA LEU B 71 13.19 4.67 11.74
C LEU B 71 14.18 4.38 12.87
N ASN B 72 13.70 4.45 14.10
CA ASN B 72 14.53 4.13 15.26
C ASN B 72 14.24 2.72 15.79
N ASP B 73 15.03 2.33 16.80
CA ASP B 73 15.02 0.97 17.36
C ASP B 73 13.68 0.65 18.00
N VAL B 74 12.99 1.65 18.54
CA VAL B 74 11.72 1.38 19.19
C VAL B 74 10.67 0.94 18.17
N ILE B 75 10.55 1.67 17.05
CA ILE B 75 9.61 1.28 16.01
C ILE B 75 9.98 -0.10 15.44
N ILE B 76 11.26 -0.32 15.17
CA ILE B 76 11.71 -1.63 14.67
C ILE B 76 11.32 -2.73 15.63
N ASP B 77 11.69 -2.58 16.91
CA ASP B 77 11.46 -3.67 17.85
C ASP B 77 9.98 -3.83 18.16
N PHE B 78 9.22 -2.73 18.16
CA PHE B 78 7.76 -2.83 18.31
C PHE B 78 7.13 -3.63 17.18
N TYR B 79 7.40 -3.25 15.92
CA TYR B 79 6.70 -3.89 14.80
C TYR B 79 7.14 -5.34 14.62
N LEU B 80 8.41 -5.65 14.90
CA LEU B 80 8.85 -7.04 14.84
C LEU B 80 8.16 -7.89 15.90
N LYS B 81 7.90 -7.30 17.06
CA LYS B 81 7.14 -8.01 18.08
C LYS B 81 5.68 -8.17 17.66
N TYR B 82 5.11 -7.14 17.03
CA TYR B 82 3.76 -7.25 16.52
C TYR B 82 3.65 -8.36 15.47
N LEU B 83 4.65 -8.47 14.59
CA LEU B 83 4.58 -9.51 13.55
C LEU B 83 4.58 -10.91 14.17
N ILE B 84 5.45 -11.13 15.16
CA ILE B 84 5.55 -12.45 15.77
C ILE B 84 4.28 -12.78 16.59
N LEU B 85 3.67 -11.78 17.24
CA LEU B 85 2.48 -12.02 18.06
C LEU B 85 1.17 -12.02 17.28
N GLU B 86 1.09 -11.35 16.12
CA GLU B 86 -0.18 -11.22 15.43
C GLU B 86 -0.16 -11.62 13.95
N LYS B 87 1.01 -11.81 13.33
CA LYS B 87 1.08 -12.11 11.91
C LYS B 87 1.76 -13.44 11.56
N ALA B 88 2.51 -14.04 12.48
CA ALA B 88 3.24 -15.26 12.17
C ALA B 88 2.33 -16.47 12.35
N SER B 89 2.34 -17.37 11.36
CA SER B 89 1.67 -18.64 11.50
C SER B 89 2.16 -19.35 12.74
N ASP B 90 1.40 -20.31 13.22
CA ASP B 90 1.84 -21.00 14.42
C ASP B 90 3.06 -21.89 14.17
N GLU B 91 3.16 -22.54 13.01
CA GLU B 91 4.38 -23.33 12.81
C GLU B 91 5.60 -22.43 12.81
N LEU B 92 5.46 -21.21 12.31
CA LEU B 92 6.62 -20.32 12.16
C LEU B 92 7.10 -19.77 13.50
N VAL B 93 6.17 -19.34 14.37
CA VAL B 93 6.56 -18.89 15.71
C VAL B 93 7.40 -19.96 16.42
N GLU B 94 6.97 -21.21 16.31
CA GLU B 94 7.70 -22.27 17.00
C GLU B 94 9.08 -22.49 16.40
N ARG B 95 9.23 -22.26 15.10
CA ARG B 95 10.50 -22.53 14.45
C ARG B 95 11.35 -21.28 14.28
N SER B 96 10.92 -20.13 14.79
CA SER B 96 11.57 -18.85 14.58
C SER B 96 12.01 -18.20 15.89
N HIS B 97 13.06 -17.40 15.81
CA HIS B 97 13.44 -16.51 16.89
C HIS B 97 13.87 -15.17 16.27
N ILE B 98 13.37 -14.06 16.82
CA ILE B 98 13.79 -12.72 16.39
C ILE B 98 14.55 -12.05 17.52
N PHE B 99 15.79 -11.68 17.28
CA PHE B 99 16.57 -10.96 18.28
C PHE B 99 16.18 -9.49 18.32
N SER B 100 16.29 -8.91 19.51
CA SER B 100 16.37 -7.47 19.70
C SER B 100 17.25 -6.80 18.67
N SER B 101 16.84 -5.61 18.22
CA SER B 101 17.71 -4.78 17.39
C SER B 101 19.03 -4.43 18.07
N PHE B 102 19.18 -4.65 19.37
CA PHE B 102 20.42 -4.37 20.06
C PHE B 102 21.32 -5.59 20.21
N PHE B 103 20.83 -6.80 19.85
CA PHE B 103 21.67 -8.00 19.97
C PHE B 103 22.97 -7.81 19.22
N TYR B 104 22.88 -7.43 17.96
CA TYR B 104 24.11 -7.38 17.16
C TYR B 104 25.00 -6.25 17.63
N LYS B 105 24.42 -5.12 18.05
CA LYS B 105 25.23 -4.01 18.54
C LYS B 105 25.96 -4.36 19.83
N CYS B 106 25.29 -5.09 20.73
CA CYS B 106 25.90 -5.56 21.96
C CYS B 106 27.02 -6.56 21.66
N LEU B 107 26.77 -7.50 20.75
CA LEU B 107 27.78 -8.50 20.38
C LEU B 107 29.07 -7.86 19.91
N THR B 108 28.95 -6.81 19.09
CA THR B 108 30.08 -6.28 18.34
C THR B 108 30.58 -4.95 18.89
N ARG B 109 30.24 -4.59 20.11
CA ARG B 109 30.66 -3.33 20.69
C ARG B 109 32.19 -3.24 20.84
N PRO B 119 41.48 -11.93 28.53
CA PRO B 119 42.36 -12.81 29.30
C PRO B 119 42.66 -14.15 28.60
N ASN B 120 41.98 -15.20 29.04
CA ASN B 120 42.12 -16.54 28.48
C ASN B 120 41.07 -16.83 27.40
N LEU B 121 40.22 -15.87 27.08
CA LEU B 121 39.13 -16.08 26.14
C LEU B 121 39.54 -15.55 24.76
N SER B 122 39.09 -16.25 23.72
CA SER B 122 39.25 -15.74 22.36
C SER B 122 38.42 -14.47 22.19
N MET B 123 38.70 -13.74 21.11
CA MET B 123 37.90 -12.57 20.79
C MET B 123 36.45 -12.95 20.54
N ALA B 124 36.22 -14.07 19.83
CA ALA B 124 34.86 -14.56 19.63
C ALA B 124 34.20 -14.91 20.94
N GLN B 125 34.95 -15.47 21.89
CA GLN B 125 34.36 -15.79 23.20
C GLN B 125 34.07 -14.53 23.99
N ARG B 126 34.96 -13.53 23.92
CA ARG B 126 34.72 -12.28 24.60
C ARG B 126 33.47 -11.59 24.04
N ARG B 127 33.29 -11.59 22.71
CA ARG B 127 32.07 -11.05 22.11
C ARG B 127 30.84 -11.83 22.58
N HIS B 128 30.89 -13.16 22.51
CA HIS B 128 29.71 -13.94 22.89
C HIS B 128 29.34 -13.73 24.36
N LYS B 129 30.33 -13.51 25.22
CA LYS B 129 30.05 -13.34 26.64
C LYS B 129 29.09 -12.18 26.88
N ARG B 130 29.16 -11.13 26.06
CA ARG B 130 28.31 -9.97 26.24
C ARG B 130 26.83 -10.27 26.01
N VAL B 131 26.52 -11.22 25.13
CA VAL B 131 25.12 -11.55 24.84
C VAL B 131 24.76 -12.96 25.32
N ARG B 132 25.54 -13.54 26.22
CA ARG B 132 25.32 -14.95 26.51
C ARG B 132 23.97 -15.22 27.15
N THR B 133 23.42 -14.29 27.93
CA THR B 133 22.12 -14.54 28.57
C THR B 133 20.93 -14.20 27.68
N TRP B 134 21.16 -13.68 26.48
CA TRP B 134 20.07 -13.34 25.58
C TRP B 134 19.42 -14.57 24.96
N THR B 135 19.96 -15.74 25.21
CA THR B 135 19.37 -17.02 24.76
C THR B 135 19.15 -17.93 25.98
N ARG B 136 18.83 -17.31 27.12
CA ARG B 136 18.62 -18.03 28.41
C ARG B 136 17.61 -19.16 28.25
N HIS B 137 16.46 -18.91 27.61
CA HIS B 137 15.43 -19.96 27.49
C HIS B 137 15.15 -20.29 26.04
N ILE B 138 16.17 -20.22 25.20
CA ILE B 138 16.03 -20.42 23.76
C ILE B 138 17.15 -21.36 23.31
N ASN B 139 16.78 -22.45 22.62
CA ASN B 139 17.76 -23.27 21.90
C ASN B 139 17.72 -22.88 20.43
N ILE B 140 18.60 -21.97 20.02
CA ILE B 140 18.59 -21.51 18.64
C ILE B 140 18.94 -22.66 17.70
N PHE B 141 19.59 -23.72 18.20
CA PHE B 141 19.86 -24.84 17.31
C PHE B 141 18.69 -25.80 17.19
N ASN B 142 17.55 -25.47 17.81
CA ASN B 142 16.29 -26.13 17.50
C ASN B 142 15.35 -25.19 16.73
N LYS B 143 15.92 -24.25 15.98
CA LYS B 143 15.12 -23.29 15.22
C LYS B 143 15.45 -23.41 13.74
N ASP B 144 14.48 -23.04 12.90
CA ASP B 144 14.72 -23.00 11.46
C ASP B 144 15.20 -21.64 11.01
N TYR B 145 14.73 -20.57 11.65
CA TYR B 145 14.99 -19.21 11.20
C TYR B 145 15.30 -18.32 12.40
N ILE B 146 16.48 -17.70 12.39
CA ILE B 146 16.89 -16.79 13.45
C ILE B 146 17.13 -15.42 12.83
N PHE B 147 16.33 -14.45 13.22
CA PHE B 147 16.32 -13.13 12.58
C PHE B 147 17.16 -12.18 13.42
N VAL B 148 18.11 -11.51 12.77
CA VAL B 148 19.03 -10.59 13.44
C VAL B 148 18.95 -9.24 12.73
N PRO B 149 18.25 -8.26 13.31
CA PRO B 149 18.27 -6.92 12.70
C PRO B 149 19.64 -6.29 12.93
N VAL B 150 20.19 -5.68 11.89
CA VAL B 150 21.54 -5.15 11.93
C VAL B 150 21.49 -3.67 11.60
N ASN B 151 22.09 -2.86 12.48
CA ASN B 151 22.18 -1.43 12.27
C ASN B 151 23.66 -1.06 12.25
N GLU B 152 24.19 -0.85 11.04
CA GLU B 152 25.58 -0.46 10.83
C GLU B 152 25.59 0.86 10.06
N SER B 153 26.33 1.83 10.58
CA SER B 153 26.52 3.11 9.92
C SER B 153 25.18 3.72 9.51
N SER B 154 24.25 3.77 10.47
CA SER B 154 22.93 4.36 10.26
C SER B 154 22.25 3.76 9.04
N HIS B 155 22.31 2.44 8.93
CA HIS B 155 21.63 1.70 7.88
C HIS B 155 21.09 0.41 8.47
N TRP B 156 19.80 0.16 8.31
CA TRP B 156 19.20 -1.09 8.76
C TRP B 156 19.30 -2.12 7.66
N TYR B 157 19.65 -3.36 8.03
CA TYR B 157 19.40 -4.51 7.18
C TYR B 157 19.24 -5.74 8.05
N LEU B 158 18.96 -6.87 7.40
CA LEU B 158 18.50 -8.08 8.07
C LEU B 158 19.39 -9.26 7.71
N ALA B 159 19.84 -9.99 8.71
CA ALA B 159 20.45 -11.30 8.51
C ALA B 159 19.49 -12.36 9.03
N VAL B 160 19.31 -13.42 8.26
CA VAL B 160 18.50 -14.56 8.69
C VAL B 160 19.37 -15.81 8.70
N ILE B 161 19.61 -16.35 9.89
CA ILE B 161 20.32 -17.61 10.04
C ILE B 161 19.29 -18.72 9.81
N CYS B 162 19.51 -19.54 8.78
CA CYS B 162 18.54 -20.57 8.39
C CYS B 162 19.07 -21.97 8.65
N PHE B 163 18.20 -22.83 9.20
CA PHE B 163 18.48 -24.24 9.46
C PHE B 163 19.86 -24.46 10.07
N PRO B 164 20.19 -23.82 11.19
CA PRO B 164 21.52 -24.04 11.79
C PRO B 164 21.74 -25.46 12.29
N TRP B 165 20.69 -26.30 12.37
CA TRP B 165 20.89 -27.68 12.81
C TRP B 165 21.32 -28.61 11.67
N LEU B 166 21.23 -28.17 10.44
CA LEU B 166 21.78 -28.93 9.31
C LEU B 166 23.28 -28.71 9.22
N GLU B 167 23.97 -29.73 8.69
CA GLU B 167 25.40 -29.66 8.40
C GLU B 167 25.70 -29.50 6.92
N GLU B 168 24.73 -29.78 6.06
CA GLU B 168 24.86 -29.66 4.61
C GLU B 168 23.47 -29.61 4.00
N ALA B 169 23.42 -29.35 2.70
CA ALA B 169 22.16 -29.22 2.00
C ALA B 169 21.43 -30.55 1.93
N VAL B 170 20.11 -30.49 2.02
CA VAL B 170 19.22 -31.69 1.91
C VAL B 170 18.06 -31.40 0.96
N TYR B 171 17.56 -32.43 0.28
CA TYR B 171 16.48 -32.23 -0.72
C TYR B 171 15.26 -33.11 -0.43
N GLU B 172 14.07 -32.52 -0.48
CA GLU B 172 12.77 -33.22 -0.33
C GLU B 172 11.74 -32.47 -1.18
N MET B 224 12.91 -29.90 -3.46
CA MET B 224 13.24 -28.61 -2.86
C MET B 224 14.37 -28.71 -1.83
N CYS B 225 15.27 -27.73 -1.86
CA CYS B 225 16.53 -27.79 -1.12
C CYS B 225 16.47 -26.92 0.13
N LYS B 226 16.87 -27.50 1.26
CA LYS B 226 17.08 -26.78 2.49
C LYS B 226 18.54 -26.91 2.87
N ARG B 227 19.15 -25.81 3.35
CA ARG B 227 20.58 -25.83 3.62
C ARG B 227 20.88 -24.87 4.75
N PRO B 228 21.91 -25.16 5.55
CA PRO B 228 22.32 -24.18 6.58
C PRO B 228 22.96 -22.99 5.90
N CYS B 229 22.47 -21.79 6.20
CA CYS B 229 23.04 -20.63 5.54
C CYS B 229 22.63 -19.37 6.31
N ILE B 230 23.27 -18.27 5.94
CA ILE B 230 22.94 -16.95 6.45
C ILE B 230 22.46 -16.13 5.26
N LEU B 231 21.19 -15.75 5.29
CA LEU B 231 20.61 -14.87 4.27
C LEU B 231 20.80 -13.42 4.69
N ILE B 232 21.24 -12.60 3.76
CA ILE B 232 21.39 -11.16 3.99
C ILE B 232 20.34 -10.46 3.14
N LEU B 233 19.40 -9.77 3.79
CA LEU B 233 18.33 -9.07 3.10
C LEU B 233 18.54 -7.58 3.32
N ASP B 234 18.93 -6.87 2.27
CA ASP B 234 19.39 -5.51 2.39
C ASP B 234 18.76 -4.69 1.27
N SER B 235 18.08 -3.59 1.64
CA SER B 235 17.44 -2.76 0.63
C SER B 235 18.40 -1.80 -0.07
N LEU B 236 19.64 -1.72 0.38
CA LEU B 236 20.69 -0.97 -0.31
C LEU B 236 21.92 -1.83 -0.44
N LYS B 237 23.05 -1.37 0.10
CA LYS B 237 24.23 -2.23 0.09
C LYS B 237 25.25 -1.79 1.15
N ALA B 238 25.20 -2.47 2.29
CA ALA B 238 26.17 -2.24 3.36
C ALA B 238 27.51 -2.86 3.00
N ALA B 239 28.57 -2.08 3.18
CA ALA B 239 29.90 -2.65 3.08
C ALA B 239 30.19 -3.63 4.21
N SER B 240 29.45 -3.55 5.31
CA SER B 240 29.73 -4.34 6.50
C SER B 240 29.28 -5.79 6.38
N VAL B 241 28.79 -6.24 5.22
CA VAL B 241 28.03 -7.49 5.17
C VAL B 241 28.91 -8.69 5.48
N GLN B 242 30.10 -8.76 4.87
CA GLN B 242 30.95 -9.93 5.11
C GLN B 242 31.45 -9.95 6.56
N ASN B 243 31.71 -8.77 7.13
CA ASN B 243 32.03 -8.68 8.55
C ASN B 243 30.86 -9.18 9.41
N THR B 244 29.63 -8.79 9.07
CA THR B 244 28.45 -9.27 9.79
C THR B 244 28.33 -10.78 9.71
N VAL B 245 28.38 -11.32 8.49
CA VAL B 245 28.29 -12.77 8.32
C VAL B 245 29.36 -13.49 9.15
N GLN B 246 30.58 -12.97 9.17
CA GLN B 246 31.63 -13.66 9.92
C GLN B 246 31.39 -13.56 11.42
N ASN B 247 30.92 -12.40 11.91
CA ASN B 247 30.60 -12.30 13.33
C ASN B 247 29.49 -13.24 13.72
N LEU B 248 28.53 -13.48 12.82
CA LEU B 248 27.41 -14.36 13.16
C LEU B 248 27.84 -15.83 13.15
N ARG B 249 28.68 -16.23 12.19
CA ARG B 249 29.24 -17.59 12.25
C ARG B 249 30.01 -17.81 13.57
N GLU B 250 30.77 -16.82 14.01
CA GLU B 250 31.56 -17.00 15.22
C GLU B 250 30.67 -16.95 16.46
N TYR B 251 29.57 -16.22 16.40
CA TYR B 251 28.58 -16.29 17.48
C TYR B 251 28.02 -17.70 17.59
N LEU B 252 27.64 -18.30 16.45
CA LEU B 252 27.08 -19.64 16.44
C LEU B 252 28.08 -20.67 17.00
N GLU B 253 29.36 -20.54 16.63
CA GLU B 253 30.34 -21.51 17.12
C GLU B 253 30.42 -21.48 18.64
N VAL B 254 30.43 -20.28 19.22
CA VAL B 254 30.57 -20.18 20.68
C VAL B 254 29.26 -20.57 21.35
N GLU B 255 28.11 -20.17 20.80
CA GLU B 255 26.85 -20.57 21.41
C GLU B 255 26.70 -22.09 21.41
N TRP B 256 27.10 -22.74 20.32
CA TRP B 256 27.08 -24.20 20.26
C TRP B 256 27.98 -24.82 21.33
N GLU B 257 29.24 -24.38 21.40
CA GLU B 257 30.16 -24.93 22.41
C GLU B 257 29.60 -24.74 23.81
N VAL B 258 29.02 -23.58 24.08
CA VAL B 258 28.48 -23.28 25.41
C VAL B 258 27.27 -24.17 25.72
N LYS B 259 26.34 -24.31 24.78
CA LYS B 259 25.09 -25.02 25.06
C LYS B 259 25.19 -26.52 24.78
N LEU B 260 25.90 -26.91 23.72
CA LEU B 260 25.96 -28.32 23.33
C LEU B 260 27.24 -29.01 23.77
N LYS B 261 28.27 -28.24 24.11
CA LYS B 261 29.45 -28.74 24.82
C LYS B 261 30.34 -29.62 23.97
N THR B 262 30.20 -29.55 22.64
CA THR B 262 31.16 -30.13 21.71
C THR B 262 31.67 -29.03 20.80
N HIS B 263 32.73 -29.35 20.04
CA HIS B 263 33.30 -28.44 19.07
C HIS B 263 32.58 -28.61 17.74
N ARG B 264 32.08 -27.51 17.19
CA ARG B 264 31.44 -27.54 15.88
C ARG B 264 31.84 -26.28 15.12
N GLN B 265 32.46 -26.48 13.96
CA GLN B 265 32.83 -25.37 13.10
C GLN B 265 31.63 -24.86 12.31
N PHE B 266 31.55 -23.53 12.18
CA PHE B 266 30.63 -22.87 11.25
C PHE B 266 31.51 -22.05 10.32
N SER B 267 31.56 -22.43 9.05
CA SER B 267 32.44 -21.78 8.11
C SER B 267 31.63 -21.44 6.87
N LYS B 268 32.28 -20.81 5.88
CA LYS B 268 31.61 -20.60 4.61
C LYS B 268 31.15 -21.91 3.98
N THR B 269 31.86 -23.00 4.24
CA THR B 269 31.51 -24.30 3.66
C THR B 269 30.16 -24.81 4.18
N ASN B 270 29.94 -24.77 5.49
CA ASN B 270 28.73 -25.36 6.04
C ASN B 270 27.73 -24.33 6.53
N MET B 271 27.95 -23.04 6.23
CA MET B 271 27.07 -21.95 6.62
C MET B 271 27.28 -20.84 5.59
N VAL B 272 26.90 -21.11 4.34
CA VAL B 272 27.21 -20.19 3.25
C VAL B 272 26.37 -18.92 3.39
N ASP B 273 26.95 -17.79 2.97
CA ASP B 273 26.23 -16.53 2.95
C ASP B 273 25.58 -16.32 1.58
N LEU B 274 24.30 -15.92 1.59
CA LEU B 274 23.49 -15.72 0.40
C LEU B 274 22.81 -14.36 0.47
N CYS B 275 22.70 -13.69 -0.69
CA CYS B 275 21.95 -12.44 -0.81
C CYS B 275 20.92 -12.61 -1.92
N PRO B 276 19.71 -13.06 -1.60
CA PRO B 276 18.66 -13.11 -2.63
C PRO B 276 18.36 -11.70 -3.15
N LYS B 277 17.96 -11.65 -4.42
CA LYS B 277 17.58 -10.38 -5.03
C LYS B 277 16.20 -10.02 -4.51
N VAL B 278 16.12 -8.94 -3.74
CA VAL B 278 14.88 -8.50 -3.11
C VAL B 278 14.58 -7.11 -3.64
N PRO B 279 13.35 -6.62 -3.47
CA PRO B 279 13.07 -5.21 -3.80
C PRO B 279 14.02 -4.28 -3.05
N LYS B 280 14.52 -3.28 -3.76
CA LYS B 280 15.50 -2.33 -3.25
C LYS B 280 14.85 -0.97 -3.01
N GLN B 281 15.58 -0.14 -2.27
CA GLN B 281 15.16 1.22 -1.94
C GLN B 281 15.25 2.14 -3.14
N ASP B 282 14.31 3.08 -3.22
CA ASP B 282 14.42 4.24 -4.11
C ASP B 282 14.69 5.54 -3.34
N ASN B 283 14.81 5.44 -2.02
CA ASN B 283 14.89 6.53 -1.06
C ASN B 283 16.22 6.47 -0.33
N SER B 284 16.55 7.56 0.35
CA SER B 284 17.69 7.57 1.26
C SER B 284 17.28 7.27 2.70
N SER B 285 16.00 6.94 2.92
CA SER B 285 15.47 6.92 4.28
C SER B 285 14.63 5.70 4.64
N ASP B 286 14.30 4.82 3.70
CA ASP B 286 13.34 3.76 3.98
C ASP B 286 13.99 2.40 4.32
N CYS B 287 15.32 2.35 4.52
CA CYS B 287 15.99 1.12 4.96
C CYS B 287 15.22 0.40 6.07
N GLY B 288 14.77 1.00 7.10
CA GLY B 288 14.06 0.33 8.18
C GLY B 288 12.66 -0.12 7.78
N VAL B 289 12.01 0.61 6.88
CA VAL B 289 10.72 0.15 6.37
C VAL B 289 10.89 -1.17 5.60
N TYR B 290 11.94 -1.26 4.78
CA TYR B 290 12.21 -2.50 4.04
C TYR B 290 12.53 -3.66 4.99
N LEU B 291 13.34 -3.41 6.02
CA LEU B 291 13.65 -4.43 7.01
C LEU B 291 12.37 -5.05 7.54
N LEU B 292 11.42 -4.19 7.98
CA LEU B 292 10.16 -4.69 8.52
C LEU B 292 9.35 -5.43 7.47
N GLN B 293 9.36 -4.95 6.22
CA GLN B 293 8.61 -5.61 5.16
C GLN B 293 9.22 -6.95 4.80
N TYR B 294 10.55 -7.06 4.82
CA TYR B 294 11.18 -8.37 4.58
C TYR B 294 10.68 -9.40 5.58
N VAL B 295 10.66 -9.04 6.87
CA VAL B 295 10.18 -9.97 7.88
C VAL B 295 8.71 -10.31 7.66
N GLU B 296 7.89 -9.30 7.38
CA GLU B 296 6.46 -9.55 7.18
C GLU B 296 6.20 -10.47 6.00
N SER B 297 6.86 -10.21 4.86
CA SER B 297 6.69 -11.05 3.68
C SER B 297 7.27 -12.43 3.93
N PHE B 298 8.37 -12.53 4.69
CA PHE B 298 8.87 -13.85 5.08
C PHE B 298 7.81 -14.65 5.83
N PHE B 299 7.08 -14.01 6.75
CA PHE B 299 6.09 -14.76 7.50
C PHE B 299 4.86 -15.11 6.68
N LYS B 300 4.52 -14.30 5.68
CA LYS B 300 3.40 -14.69 4.82
C LYS B 300 3.80 -15.79 3.84
N ASP B 301 5.03 -15.74 3.31
CA ASP B 301 5.53 -16.71 2.34
C ASP B 301 7.00 -17.02 2.62
N PRO B 302 7.27 -17.97 3.51
CA PRO B 302 8.66 -18.19 3.94
C PRO B 302 9.48 -18.83 2.83
N ILE B 303 10.79 -18.58 2.90
CA ILE B 303 11.71 -19.20 1.96
C ILE B 303 11.89 -20.65 2.37
N VAL B 304 11.44 -21.57 1.52
CA VAL B 304 11.62 -23.01 1.77
C VAL B 304 12.51 -23.68 0.72
N ASN B 305 12.77 -23.04 -0.41
CA ASN B 305 13.62 -23.59 -1.46
C ASN B 305 14.85 -22.70 -1.60
N PHE B 306 16.01 -23.23 -1.19
CA PHE B 306 17.23 -22.45 -1.10
C PHE B 306 18.15 -22.60 -2.32
N GLU B 307 17.68 -23.22 -3.40
CA GLU B 307 18.50 -23.28 -4.60
C GLU B 307 18.61 -21.88 -5.22
N LEU B 308 19.77 -21.57 -5.67
CA LEU B 308 20.07 -20.25 -6.21
C LEU B 308 19.76 -20.19 -7.70
N PRO B 309 19.40 -19.02 -8.22
CA PRO B 309 19.12 -17.82 -7.41
C PRO B 309 17.78 -17.90 -6.68
N ILE B 310 17.73 -17.29 -5.51
CA ILE B 310 16.49 -17.18 -4.74
C ILE B 310 15.75 -15.95 -5.25
N HIS B 311 14.69 -16.16 -6.03
CA HIS B 311 14.04 -15.07 -6.74
C HIS B 311 12.95 -14.48 -5.87
N LEU B 312 13.19 -13.26 -5.38
CA LEU B 312 12.22 -12.52 -4.60
C LEU B 312 12.05 -11.09 -5.10
N GLU B 313 12.49 -10.83 -6.35
CA GLU B 313 12.40 -9.48 -6.91
C GLU B 313 10.97 -8.95 -6.88
N LYS B 314 9.98 -9.83 -6.91
CA LYS B 314 8.59 -9.44 -6.83
C LYS B 314 7.93 -10.01 -5.58
N TRP B 315 8.64 -9.94 -4.45
CA TRP B 315 8.12 -10.45 -3.18
C TRP B 315 6.90 -9.66 -2.71
N PHE B 316 6.88 -8.36 -2.94
CA PHE B 316 5.77 -7.52 -2.51
C PHE B 316 5.71 -6.31 -3.42
N PRO B 317 4.52 -5.59 -3.71
CA PRO B 317 4.13 -4.26 -4.66
C PRO B 317 4.96 -3.15 -4.02
N ARG B 318 5.30 -2.16 -4.83
CA ARG B 318 5.99 -0.94 -4.35
C ARG B 318 5.06 -0.20 -3.35
N HIS B 319 3.74 -0.24 -3.54
CA HIS B 319 2.79 0.49 -2.66
C HIS B 319 2.86 0.07 -1.19
N VAL B 320 3.17 -1.18 -0.91
CA VAL B 320 3.25 -1.64 0.50
C VAL B 320 4.33 -0.87 1.25
N ILE B 321 5.45 -0.57 0.63
CA ILE B 321 6.52 0.23 1.26
C ILE B 321 6.05 1.68 1.35
N LYS B 322 5.47 2.20 0.28
CA LYS B 322 5.07 3.62 0.24
C LYS B 322 4.01 3.93 1.30
N THR B 323 3.21 2.96 1.67
CA THR B 323 2.17 3.24 2.66
C THR B 323 2.50 2.70 4.05
N LYS B 324 3.71 2.14 4.26
CA LYS B 324 3.94 1.37 5.48
C LYS B 324 4.11 2.29 6.70
N ARG B 325 4.80 3.42 6.54
CA ARG B 325 4.95 4.36 7.66
C ARG B 325 3.58 4.74 8.22
N GLU B 326 2.63 5.05 7.33
CA GLU B 326 1.31 5.44 7.81
C GLU B 326 0.57 4.24 8.39
N ASP B 327 0.77 3.05 7.81
CA ASP B 327 0.12 1.85 8.34
C ASP B 327 0.59 1.57 9.77
N ILE B 328 1.88 1.75 10.03
CA ILE B 328 2.42 1.52 11.37
C ILE B 328 1.91 2.59 12.32
N ARG B 329 1.86 3.83 11.87
CA ARG B 329 1.30 4.89 12.71
C ARG B 329 -0.15 4.59 13.10
N GLU B 330 -0.97 4.17 12.14
CA GLU B 330 -2.37 3.90 12.48
C GLU B 330 -2.50 2.70 13.42
N LEU B 331 -1.65 1.69 13.24
CA LEU B 331 -1.63 0.57 14.17
C LEU B 331 -1.33 1.02 15.60
N ILE B 332 -0.37 1.93 15.77
CA ILE B 332 -0.03 2.36 17.12
C ILE B 332 -1.17 3.19 17.71
N LEU B 333 -1.77 4.07 16.90
CA LEU B 333 -2.90 4.87 17.38
C LEU B 333 -4.08 4.00 17.78
N LYS B 334 -4.37 2.98 16.96
CA LYS B 334 -5.45 2.04 17.26
C LYS B 334 -5.18 1.27 18.55
N LEU B 335 -3.96 0.75 18.71
CA LEU B 335 -3.60 0.08 19.95
C LEU B 335 -3.68 1.04 21.13
N HIS B 336 -3.36 2.32 20.90
CA HIS B 336 -3.46 3.34 21.95
C HIS B 336 -4.87 3.46 22.46
N LEU B 337 -5.83 3.50 21.55
CA LEU B 337 -7.22 3.59 22.00
C LEU B 337 -7.66 2.31 22.69
N GLN B 338 -7.20 1.13 22.26
CA GLN B 338 -7.59 -0.09 22.98
C GLN B 338 -7.01 -0.10 24.39
N GLN B 339 -5.76 0.33 24.56
CA GLN B 339 -5.18 0.30 25.89
C GLN B 339 -5.74 1.39 26.79
N GLN B 340 -6.28 2.47 26.23
CA GLN B 340 -7.04 3.41 27.06
C GLN B 340 -8.28 2.74 27.68
N LYS B 341 -8.98 1.91 26.89
CA LYS B 341 -10.27 1.31 27.27
C LYS B 341 -10.16 0.42 28.50
N GLY B 342 -8.96 -0.01 28.88
CA GLY B 342 -8.82 -0.95 29.97
C GLY B 342 -7.69 -0.58 30.88
N HIS C 1 18.20 -8.13 49.67
CA HIS C 1 19.03 -7.27 48.83
C HIS C 1 19.86 -8.09 47.86
N ILE C 2 19.98 -7.63 46.60
CA ILE C 2 20.90 -8.21 45.63
C ILE C 2 21.63 -7.10 44.90
N ASN C 3 22.80 -7.46 44.37
CA ASN C 3 23.63 -6.54 43.58
C ASN C 3 23.35 -6.78 42.10
N LEU C 4 23.12 -5.69 41.37
CA LEU C 4 22.88 -5.72 39.94
C LEU C 4 23.92 -4.84 39.26
N LYS C 5 24.32 -5.23 38.06
CA LYS C 5 25.31 -4.50 37.28
C LYS C 5 24.62 -3.88 36.08
N VAL C 6 24.91 -2.61 35.82
CA VAL C 6 24.37 -1.91 34.66
C VAL C 6 25.52 -1.67 33.69
N ALA C 7 25.50 -2.37 32.57
CA ALA C 7 26.62 -2.37 31.62
C ALA C 7 26.29 -1.49 30.42
N GLY C 8 27.06 -0.41 30.26
CA GLY C 8 26.88 0.48 29.14
C GLY C 8 27.77 0.13 27.95
N GLN C 9 27.49 0.78 26.82
CA GLN C 9 28.16 0.39 25.59
C GLN C 9 29.56 1.00 25.44
N ASP C 10 30.12 1.53 26.52
CA ASP C 10 31.50 2.00 26.56
C ASP C 10 32.40 1.07 27.38
N GLY C 11 31.91 -0.12 27.74
CA GLY C 11 32.61 -1.00 28.64
C GLY C 11 32.40 -0.70 30.11
N SER C 12 31.79 0.43 30.44
CA SER C 12 31.60 0.78 31.85
C SER C 12 30.52 -0.10 32.47
N VAL C 13 30.72 -0.39 33.77
CA VAL C 13 29.79 -1.20 34.54
C VAL C 13 29.59 -0.51 35.89
N VAL C 14 28.35 -0.22 36.24
CA VAL C 14 28.01 0.38 37.53
C VAL C 14 27.21 -0.64 38.32
N GLN C 15 27.54 -0.77 39.60
CA GLN C 15 26.92 -1.75 40.48
C GLN C 15 25.94 -1.07 41.43
N PHE C 16 24.76 -1.67 41.59
CA PHE C 16 23.75 -1.16 42.52
C PHE C 16 23.34 -2.27 43.47
N LYS C 17 22.99 -1.89 44.69
CA LYS C 17 22.39 -2.80 45.66
C LYS C 17 20.90 -2.47 45.74
N ILE C 18 20.06 -3.48 45.62
CA ILE C 18 18.58 -3.24 45.58
C ILE C 18 17.85 -4.42 46.23
N LYS C 19 16.65 -4.19 46.74
CA LYS C 19 15.77 -5.23 47.31
C LYS C 19 15.01 -5.94 46.19
N ARG C 20 14.87 -7.24 46.30
CA ARG C 20 14.22 -8.07 45.26
C ARG C 20 12.80 -7.64 44.94
N HIS C 21 12.14 -6.97 45.87
CA HIS C 21 10.72 -6.60 45.67
C HIS C 21 10.56 -5.10 45.41
N THR C 22 11.64 -4.36 45.32
CA THR C 22 11.43 -2.93 45.01
C THR C 22 11.40 -2.73 43.49
N PRO C 23 10.56 -1.85 42.94
CA PRO C 23 10.57 -1.59 41.51
C PRO C 23 11.90 -1.03 41.02
N LEU C 24 12.22 -1.27 39.77
CA LEU C 24 13.52 -0.85 39.28
C LEU C 24 13.58 0.63 38.95
N SER C 25 12.49 1.37 39.15
CA SER C 25 12.39 2.77 38.74
C SER C 25 13.50 3.63 39.33
N LYS C 26 13.82 3.46 40.62
CA LYS C 26 14.81 4.38 41.19
C LYS C 26 16.23 4.03 40.78
N LEU C 27 16.56 2.74 40.65
CA LEU C 27 17.83 2.35 40.05
C LEU C 27 17.99 2.99 38.68
N MET C 28 16.99 2.82 37.81
CA MET C 28 17.05 3.39 36.47
C MET C 28 17.26 4.89 36.48
N LYS C 29 16.48 5.62 37.28
CA LYS C 29 16.65 7.08 37.29
C LYS C 29 17.98 7.46 37.91
N ALA C 30 18.45 6.69 38.91
CA ALA C 30 19.78 6.95 39.46
C ALA C 30 20.87 6.71 38.42
N TYR C 31 20.73 5.66 37.60
CA TYR C 31 21.69 5.46 36.51
C TYR C 31 21.64 6.61 35.51
N CYS C 32 20.45 7.00 35.09
CA CYS C 32 20.32 8.08 34.08
C CYS C 32 20.97 9.37 34.60
N GLU C 33 20.68 9.73 35.83
CA GLU C 33 21.24 10.95 36.45
C GLU C 33 22.77 10.86 36.44
N ARG C 34 23.34 9.73 36.81
CA ARG C 34 24.82 9.61 36.87
C ARG C 34 25.48 9.89 35.51
N GLN C 35 24.78 9.65 34.41
CA GLN C 35 25.31 9.85 33.08
C GLN C 35 24.65 11.03 32.35
N GLY C 36 23.86 11.84 33.05
CA GLY C 36 23.29 13.02 32.45
C GLY C 36 22.29 12.80 31.33
N LEU C 37 21.67 11.62 31.25
CA LEU C 37 20.67 11.35 30.23
C LEU C 37 19.27 11.29 30.85
N SER C 38 18.26 11.26 30.01
CA SER C 38 16.88 11.09 30.47
C SER C 38 16.46 9.64 30.33
N MET C 39 15.42 9.26 31.09
CA MET C 39 14.84 7.93 30.92
C MET C 39 14.39 7.69 29.49
N ARG C 40 13.94 8.75 28.82
CA ARG C 40 13.51 8.63 27.43
C ARG C 40 14.64 8.25 26.50
N GLN C 41 15.86 8.54 26.91
CA GLN C 41 17.01 8.32 26.02
C GLN C 41 17.64 6.94 26.21
N ILE C 42 17.55 6.32 27.36
CA ILE C 42 18.26 5.02 27.42
C ILE C 42 17.30 3.85 27.46
N ARG C 43 17.70 2.79 26.78
CA ARG C 43 16.94 1.55 26.69
C ARG C 43 17.52 0.58 27.71
N PHE C 44 16.72 0.11 28.62
CA PHE C 44 17.19 -0.89 29.61
C PHE C 44 16.72 -2.27 29.16
N ARG C 45 17.67 -3.17 29.01
CA ARG C 45 17.37 -4.55 28.56
C ARG C 45 17.93 -5.59 29.53
N PHE C 46 17.15 -6.63 29.75
CA PHE C 46 17.59 -7.73 30.62
C PHE C 46 17.40 -9.00 29.81
N ASP C 47 18.48 -9.76 29.65
CA ASP C 47 18.47 -10.95 28.78
C ASP C 47 17.94 -10.57 27.39
N GLY C 48 18.24 -9.37 26.95
CA GLY C 48 17.81 -8.94 25.63
C GLY C 48 16.36 -8.53 25.50
N GLN C 49 15.68 -8.37 26.63
CA GLN C 49 14.24 -8.04 26.65
C GLN C 49 14.01 -6.72 27.37
N PRO C 50 13.02 -5.91 26.98
CA PRO C 50 12.77 -4.65 27.62
C PRO C 50 12.34 -4.82 29.07
N ILE C 51 12.76 -3.89 29.91
CA ILE C 51 12.36 -3.90 31.33
C ILE C 51 11.77 -2.54 31.65
N ASN C 52 10.77 -2.52 32.51
CA ASN C 52 10.03 -1.28 32.81
C ASN C 52 10.22 -0.85 34.25
N GLU C 53 9.92 0.40 34.51
CA GLU C 53 10.05 0.96 35.86
C GLU C 53 9.31 0.13 36.90
N THR C 54 8.14 -0.40 36.53
CA THR C 54 7.29 -1.12 37.46
C THR C 54 7.87 -2.48 37.84
N ASP C 55 8.76 -3.03 37.02
CA ASP C 55 9.30 -4.37 37.24
C ASP C 55 10.16 -4.42 38.49
N THR C 56 10.12 -5.56 39.16
CA THR C 56 10.99 -5.83 40.29
C THR C 56 11.95 -6.96 39.93
N PRO C 57 13.11 -7.04 40.60
CA PRO C 57 14.02 -8.15 40.33
C PRO C 57 13.42 -9.52 40.57
N ALA C 58 12.54 -9.65 41.57
CA ALA C 58 11.83 -10.91 41.79
C ALA C 58 11.02 -11.30 40.57
N GLN C 59 10.21 -10.36 40.06
CA GLN C 59 9.37 -10.65 38.89
C GLN C 59 10.20 -11.06 37.69
N LEU C 60 11.36 -10.44 37.50
CA LEU C 60 12.21 -10.74 36.37
C LEU C 60 13.15 -11.92 36.61
N GLU C 61 13.05 -12.57 37.77
CA GLU C 61 13.86 -13.76 38.08
C GLU C 61 15.36 -13.43 38.04
N MET C 62 15.70 -12.23 38.51
CA MET C 62 17.08 -11.80 38.61
C MET C 62 17.78 -12.47 39.79
N GLU C 63 19.08 -12.70 39.63
CA GLU C 63 19.90 -13.27 40.69
C GLU C 63 21.03 -12.31 41.00
N ASP C 64 21.65 -12.49 42.16
CA ASP C 64 22.76 -11.63 42.53
C ASP C 64 23.84 -11.67 41.45
N GLU C 65 24.37 -10.48 41.11
CA GLU C 65 25.39 -10.23 40.09
C GLU C 65 24.86 -10.34 38.66
N ASP C 66 23.54 -10.37 38.48
CA ASP C 66 22.99 -10.25 37.14
C ASP C 66 23.28 -8.87 36.57
N THR C 67 23.19 -8.77 35.25
CA THR C 67 23.57 -7.55 34.52
C THR C 67 22.39 -7.06 33.71
N ILE C 68 22.17 -5.74 33.73
CA ILE C 68 21.23 -5.03 32.86
C ILE C 68 22.06 -4.29 31.82
N ASP C 69 21.73 -4.49 30.54
CA ASP C 69 22.44 -3.81 29.47
C ASP C 69 21.66 -2.55 29.11
N VAL C 70 22.37 -1.45 28.94
CA VAL C 70 21.75 -0.17 28.58
C VAL C 70 22.29 0.27 27.23
N PHE C 71 21.42 0.88 26.43
CA PHE C 71 21.74 1.29 25.07
C PHE C 71 21.14 2.67 24.86
N GLN C 72 21.73 3.43 23.94
CA GLN C 72 21.08 4.64 23.48
C GLN C 72 20.34 4.37 22.18
N GLN C 73 19.47 5.31 21.80
CA GLN C 73 18.68 5.19 20.58
C GLN C 73 19.59 4.93 19.38
N GLN C 74 19.13 4.07 18.48
CA GLN C 74 19.79 3.89 17.19
C GLN C 74 18.79 4.14 16.08
N THR C 75 19.26 4.77 15.00
CA THR C 75 18.41 5.01 13.85
C THR C 75 19.16 4.61 12.59
N GLY C 76 18.42 4.45 11.50
CA GLY C 76 19.02 4.10 10.24
C GLY C 76 18.09 4.57 9.15
N HIS D 1 -26.83 24.00 -43.38
CA HIS D 1 -27.78 23.35 -42.49
C HIS D 1 -27.46 21.87 -42.35
N ILE D 2 -27.46 21.36 -41.11
CA ILE D 2 -27.35 19.93 -40.87
C ILE D 2 -28.42 19.54 -39.87
N ASN D 3 -28.72 18.25 -39.85
CA ASN D 3 -29.66 17.68 -38.90
C ASN D 3 -28.89 16.95 -37.81
N LEU D 4 -29.29 17.20 -36.55
CA LEU D 4 -28.69 16.54 -35.40
C LEU D 4 -29.79 15.83 -34.62
N LYS D 5 -29.47 14.65 -34.11
CA LYS D 5 -30.35 13.92 -33.21
C LYS D 5 -29.93 14.16 -31.75
N VAL D 6 -30.91 14.31 -30.87
CA VAL D 6 -30.68 14.39 -29.43
C VAL D 6 -31.35 13.17 -28.80
N ALA D 7 -30.53 12.23 -28.30
CA ALA D 7 -31.01 10.95 -27.79
C ALA D 7 -31.00 10.97 -26.25
N GLY D 8 -32.18 10.75 -25.66
CA GLY D 8 -32.36 10.83 -24.22
C GLY D 8 -32.40 9.46 -23.57
N GLN D 9 -32.40 9.48 -22.24
CA GLN D 9 -32.28 8.24 -21.47
C GLN D 9 -33.53 7.37 -21.56
N ASP D 10 -34.66 7.89 -22.02
CA ASP D 10 -35.89 7.12 -22.11
C ASP D 10 -36.11 6.50 -23.49
N GLY D 11 -35.11 6.55 -24.37
CA GLY D 11 -35.23 5.97 -25.69
C GLY D 11 -35.70 6.93 -26.77
N SER D 12 -36.24 8.09 -26.39
CA SER D 12 -36.72 9.04 -27.36
C SER D 12 -35.57 9.68 -28.12
N VAL D 13 -35.87 10.16 -29.33
CA VAL D 13 -34.95 10.92 -30.16
C VAL D 13 -35.69 12.12 -30.73
N VAL D 14 -35.06 13.30 -30.66
CA VAL D 14 -35.63 14.55 -31.16
C VAL D 14 -34.68 15.11 -32.21
N GLN D 15 -35.23 15.52 -33.35
CA GLN D 15 -34.43 16.02 -34.46
C GLN D 15 -34.39 17.54 -34.45
N PHE D 16 -33.22 18.09 -34.81
CA PHE D 16 -33.03 19.53 -34.93
C PHE D 16 -32.27 19.85 -36.21
N LYS D 17 -32.65 20.95 -36.85
CA LYS D 17 -31.90 21.50 -37.97
C LYS D 17 -31.10 22.70 -37.49
N ILE D 18 -29.82 22.75 -37.85
CA ILE D 18 -28.91 23.76 -37.33
C ILE D 18 -27.84 24.01 -38.38
N LYS D 19 -27.39 25.27 -38.47
CA LYS D 19 -26.33 25.62 -39.39
C LYS D 19 -24.98 25.27 -38.78
N ARG D 20 -24.03 24.90 -39.63
CA ARG D 20 -22.73 24.38 -39.17
C ARG D 20 -22.02 25.35 -38.25
N HIS D 21 -22.32 26.64 -38.32
CA HIS D 21 -21.57 27.64 -37.56
C HIS D 21 -22.42 28.32 -36.48
N THR D 22 -23.63 27.85 -36.24
CA THR D 22 -24.43 28.38 -35.14
C THR D 22 -23.98 27.71 -33.83
N PRO D 23 -23.75 28.49 -32.76
CA PRO D 23 -23.41 27.85 -31.48
C PRO D 23 -24.55 26.96 -31.02
N LEU D 24 -24.20 25.90 -30.28
CA LEU D 24 -25.22 24.93 -29.91
C LEU D 24 -26.19 25.46 -28.85
N SER D 25 -25.93 26.65 -28.29
CA SER D 25 -26.65 27.12 -27.10
C SER D 25 -28.16 27.09 -27.28
N LYS D 26 -28.66 27.54 -28.43
CA LYS D 26 -30.11 27.64 -28.56
C LYS D 26 -30.78 26.30 -28.83
N LEU D 27 -30.09 25.37 -29.52
CA LEU D 27 -30.61 24.00 -29.63
C LEU D 27 -30.72 23.35 -28.26
N MET D 28 -29.72 23.55 -27.41
CA MET D 28 -29.75 22.96 -26.07
C MET D 28 -30.89 23.56 -25.25
N LYS D 29 -31.08 24.88 -25.34
CA LYS D 29 -32.17 25.52 -24.61
C LYS D 29 -33.52 25.02 -25.13
N ALA D 30 -33.65 24.93 -26.45
CA ALA D 30 -34.89 24.42 -27.04
C ALA D 30 -35.16 22.99 -26.58
N TYR D 31 -34.11 22.18 -26.42
CA TYR D 31 -34.30 20.81 -25.98
C TYR D 31 -34.73 20.74 -24.51
N CYS D 32 -34.05 21.48 -23.64
CA CYS D 32 -34.43 21.52 -22.23
C CYS D 32 -35.87 22.00 -22.09
N GLU D 33 -36.25 23.00 -22.88
CA GLU D 33 -37.59 23.56 -22.80
C GLU D 33 -38.64 22.54 -23.23
N ARG D 34 -38.43 21.91 -24.40
CA ARG D 34 -39.40 20.99 -24.97
C ARG D 34 -39.59 19.74 -24.12
N GLN D 35 -38.64 19.41 -23.23
CA GLN D 35 -38.82 18.28 -22.33
C GLN D 35 -38.80 18.69 -20.86
N GLY D 36 -38.80 20.00 -20.56
CA GLY D 36 -39.16 20.51 -19.26
C GLY D 36 -38.09 20.57 -18.18
N LEU D 37 -36.81 20.57 -18.53
CA LEU D 37 -35.76 20.61 -17.52
C LEU D 37 -34.89 21.85 -17.71
N SER D 38 -33.92 22.03 -16.81
CA SER D 38 -33.03 23.18 -16.91
C SER D 38 -31.68 22.74 -17.48
N MET D 39 -30.91 23.74 -17.92
CA MET D 39 -29.54 23.48 -18.36
C MET D 39 -28.70 22.86 -17.25
N ARG D 40 -28.93 23.28 -16.02
CA ARG D 40 -28.13 22.77 -14.90
C ARG D 40 -28.47 21.31 -14.60
N GLN D 41 -29.49 20.76 -15.23
CA GLN D 41 -29.85 19.38 -14.89
C GLN D 41 -29.48 18.40 -16.00
N ILE D 42 -29.17 18.89 -17.19
CA ILE D 42 -28.96 18.04 -18.36
C ILE D 42 -27.50 18.11 -18.78
N ARG D 43 -26.87 16.94 -18.94
CA ARG D 43 -25.52 16.84 -19.45
C ARG D 43 -25.58 16.51 -20.94
N PHE D 44 -24.99 17.35 -21.79
CA PHE D 44 -24.91 17.09 -23.23
C PHE D 44 -23.55 16.49 -23.57
N ARG D 45 -23.55 15.39 -24.30
CA ARG D 45 -22.30 14.74 -24.65
C ARG D 45 -22.30 14.40 -26.14
N PHE D 46 -21.14 14.54 -26.75
CA PHE D 46 -20.96 14.15 -28.15
C PHE D 46 -19.71 13.29 -28.24
N ASP D 47 -19.87 12.09 -28.81
CA ASP D 47 -18.82 11.09 -28.80
C ASP D 47 -18.30 10.87 -27.38
N GLY D 48 -19.18 11.03 -26.39
CA GLY D 48 -18.81 10.82 -25.01
C GLY D 48 -18.12 11.98 -24.32
N GLN D 49 -18.02 13.14 -24.96
CA GLN D 49 -17.27 14.29 -24.44
C GLN D 49 -18.21 15.43 -24.11
N PRO D 50 -17.92 16.21 -23.06
CA PRO D 50 -18.75 17.39 -22.74
C PRO D 50 -18.86 18.36 -23.90
N ILE D 51 -20.07 18.89 -24.07
CA ILE D 51 -20.45 19.83 -25.12
C ILE D 51 -20.82 21.13 -24.42
N ASN D 52 -20.29 22.25 -24.89
CA ASN D 52 -20.59 23.53 -24.27
C ASN D 52 -21.41 24.40 -25.21
N GLU D 53 -22.14 25.36 -24.61
CA GLU D 53 -23.05 26.21 -25.37
C GLU D 53 -22.33 27.01 -26.44
N THR D 54 -21.05 27.32 -26.21
CA THR D 54 -20.24 28.07 -27.15
C THR D 54 -19.94 27.28 -28.42
N ASP D 55 -19.85 25.96 -28.30
CA ASP D 55 -19.38 25.11 -29.40
C ASP D 55 -20.36 25.14 -30.57
N THR D 56 -19.81 25.04 -31.78
CA THR D 56 -20.57 24.92 -33.02
C THR D 56 -20.39 23.53 -33.61
N PRO D 57 -21.34 23.06 -34.43
CA PRO D 57 -21.14 21.77 -35.10
C PRO D 57 -19.86 21.71 -35.91
N ALA D 58 -19.51 22.81 -36.58
CA ALA D 58 -18.26 22.86 -37.35
C ALA D 58 -17.05 22.56 -36.48
N GLN D 59 -16.96 23.21 -35.31
CA GLN D 59 -15.78 23.02 -34.46
C GLN D 59 -15.76 21.63 -33.82
N LEU D 60 -16.91 21.08 -33.49
CA LEU D 60 -16.98 19.70 -33.04
C LEU D 60 -16.87 18.70 -34.19
N GLU D 61 -16.85 19.20 -35.43
CA GLU D 61 -16.79 18.39 -36.63
C GLU D 61 -17.90 17.35 -36.65
N MET D 62 -19.13 17.82 -36.42
CA MET D 62 -20.33 17.01 -36.57
C MET D 62 -20.70 16.89 -38.04
N GLU D 63 -21.36 15.80 -38.39
CA GLU D 63 -21.92 15.60 -39.71
C GLU D 63 -23.43 15.46 -39.61
N ASP D 64 -24.08 15.53 -40.77
CA ASP D 64 -25.55 15.38 -40.82
C ASP D 64 -25.92 14.03 -40.23
N GLU D 65 -26.95 14.03 -39.39
CA GLU D 65 -27.52 12.82 -38.73
C GLU D 65 -26.64 12.34 -37.58
N ASP D 66 -25.69 13.14 -37.10
CA ASP D 66 -24.98 12.78 -35.86
C ASP D 66 -25.93 12.89 -34.66
N THR D 67 -25.55 12.22 -33.57
CA THR D 67 -26.37 12.13 -32.37
C THR D 67 -25.64 12.81 -31.21
N ILE D 68 -26.36 13.66 -30.46
CA ILE D 68 -25.89 14.17 -29.17
C ILE D 68 -26.61 13.37 -28.10
N ASP D 69 -25.86 12.84 -27.14
CA ASP D 69 -26.46 12.10 -26.04
C ASP D 69 -26.73 13.05 -24.87
N VAL D 70 -27.89 12.89 -24.23
CA VAL D 70 -28.26 13.72 -23.08
C VAL D 70 -28.54 12.81 -21.88
N PHE D 71 -28.08 13.24 -20.72
CA PHE D 71 -28.21 12.44 -19.52
C PHE D 71 -28.65 13.36 -18.40
N GLN D 72 -29.35 12.80 -17.42
CA GLN D 72 -29.61 13.56 -16.21
C GLN D 72 -28.53 13.25 -15.17
N GLN D 73 -28.53 14.02 -14.10
CA GLN D 73 -27.51 13.88 -13.06
C GLN D 73 -27.47 12.47 -12.50
N GLN D 74 -26.27 12.02 -12.16
CA GLN D 74 -26.03 10.73 -11.51
C GLN D 74 -25.44 10.99 -10.13
N THR D 75 -25.93 10.30 -9.10
CA THR D 75 -25.29 10.36 -7.79
C THR D 75 -25.19 8.96 -7.23
N GLY D 76 -24.25 8.78 -6.31
CA GLY D 76 -24.02 7.50 -5.67
C GLY D 76 -23.43 7.70 -4.30
#